data_4UJ5
#
_entry.id   4UJ5
#
_cell.length_a   51.683
_cell.length_b   108.202
_cell.length_c   75.736
_cell.angle_alpha   90.00
_cell.angle_beta   102.83
_cell.angle_gamma   90.00
#
_symmetry.space_group_name_H-M   'P 1 21 1'
#
loop_
_entity.id
_entity.type
_entity.pdbx_description
1 polymer 'RAS-RELATED PROTEIN RAB-11A'
2 polymer 'RAB-3A-INTERACTING PROTEIN'
3 non-polymer 'PHOSPHOAMINOPHOSPHONIC ACID-GUANYLATE ESTER'
4 non-polymer 'MAGNESIUM ION'
5 non-polymer 'SULFATE ION'
6 water water
#
loop_
_entity_poly.entity_id
_entity_poly.type
_entity_poly.pdbx_seq_one_letter_code
_entity_poly.pdbx_strand_id
1 'polypeptide(L)'
;GAASDEYDYLFKVVLIGDSGVGKSNLLSRFTRNEFNLESKSTIGVEFATRSIQVDGKTIKAQIWDTAGLERYRAITSAYY
RGAVGALLVYDIAKHLTYENVERWLKELRDHADSNIVIMLVGNKSDLRHLRAVPTDEARAFAEKNGLSFIETSALDSTNV
EAAFQTILTEIYRIVSQKQMSDRRE
;
A,B
2 'polypeptide(L)'
;GAASNKSTSSAMSGSHQDLSVIQPIVKDCKEADLSLYNEFRLWKDEPTMDRTCPFLDKIYQEDIFPCLTFSKSELASAVL
EAVENNTLSIEPVGLQPIRFVKASAVECGGPKKCALTGQSKSCKHRIKLGDSSNYYYISPFCRYRITSVCNFFTYIRYIQ
QGLVKQQDVDQMFWEVMQLRKEMSLAKLGYFKEEL
;
C,D
#
loop_
_chem_comp.id
_chem_comp.type
_chem_comp.name
_chem_comp.formula
GNP non-polymer 'PHOSPHOAMINOPHOSPHONIC ACID-GUANYLATE ESTER' 'C10 H17 N6 O13 P3'
MG non-polymer 'MAGNESIUM ION' 'Mg 2'
SO4 non-polymer 'SULFATE ION' 'O4 S -2'
#
# COMPACT_ATOMS: atom_id res chain seq x y z
N ALA A 3 38.27 19.13 -25.05
CA ALA A 3 38.58 17.73 -24.74
C ALA A 3 37.78 17.25 -23.53
N SER A 4 36.60 17.85 -23.33
CA SER A 4 35.68 17.36 -22.32
C SER A 4 34.86 16.22 -22.92
N ASP A 5 33.75 15.88 -22.26
CA ASP A 5 33.08 14.60 -22.46
C ASP A 5 34.08 13.50 -22.11
N GLU A 6 35.06 13.89 -21.30
CA GLU A 6 36.04 12.99 -20.73
C GLU A 6 35.66 12.79 -19.27
N TYR A 7 35.61 11.54 -18.83
CA TYR A 7 35.09 11.25 -17.50
C TYR A 7 35.91 10.21 -16.75
N ASP A 8 35.42 9.80 -15.57
CA ASP A 8 36.05 8.74 -14.80
C ASP A 8 35.17 7.49 -14.80
N TYR A 9 33.95 7.62 -14.29
CA TYR A 9 33.01 6.50 -14.25
C TYR A 9 31.73 6.81 -15.03
N LEU A 10 31.06 5.76 -15.46
CA LEU A 10 29.86 5.88 -16.29
C LEU A 10 28.71 5.03 -15.75
N PHE A 11 27.62 5.69 -15.38
CA PHE A 11 26.47 4.99 -14.82
C PHE A 11 25.26 5.03 -15.75
N LYS A 12 24.60 3.89 -15.91
CA LYS A 12 23.38 3.83 -16.71
C LYS A 12 22.15 3.76 -15.81
N VAL A 13 21.33 4.82 -15.84
CA VAL A 13 20.10 4.85 -15.06
C VAL A 13 18.89 4.74 -15.98
N VAL A 14 17.95 3.87 -15.61
CA VAL A 14 16.72 3.69 -16.38
C VAL A 14 15.52 4.34 -15.70
N LEU A 15 14.57 4.80 -16.51
CA LEU A 15 13.33 5.37 -16.02
C LEU A 15 12.17 4.40 -16.14
N ILE A 16 11.47 4.13 -15.03
CA ILE A 16 10.33 3.23 -15.06
C ILE A 16 9.14 3.81 -14.30
N GLY A 17 7.94 3.40 -14.70
CA GLY A 17 6.71 3.87 -14.08
C GLY A 17 5.59 3.85 -15.10
N ASP A 18 4.36 4.09 -14.64
CA ASP A 18 3.20 4.09 -15.53
C ASP A 18 3.30 5.18 -16.59
N SER A 19 2.57 4.99 -17.69
CA SER A 19 2.55 6.00 -18.74
C SER A 19 1.89 7.27 -18.23
N GLY A 20 2.51 8.41 -18.52
CA GLY A 20 1.96 9.71 -18.19
C GLY A 20 2.37 10.28 -16.85
N VAL A 21 3.36 9.65 -16.20
CA VAL A 21 3.81 10.12 -14.89
C VAL A 21 4.86 11.22 -15.01
N GLY A 22 5.48 11.34 -16.18
CA GLY A 22 6.45 12.42 -16.43
C GLY A 22 7.90 12.00 -16.60
N LYS A 23 8.13 10.72 -16.87
CA LYS A 23 9.48 10.18 -17.07
C LYS A 23 10.31 10.93 -18.10
N SER A 24 9.73 11.14 -19.28
CA SER A 24 10.43 11.77 -20.38
C SER A 24 10.74 13.24 -20.11
N ASN A 25 9.85 13.90 -19.35
CA ASN A 25 10.06 15.28 -18.99
C ASN A 25 11.04 15.43 -17.85
N LEU A 26 11.11 14.43 -16.99
CA LEU A 26 12.18 14.34 -16.00
C LEU A 26 13.53 14.26 -16.72
N LEU A 27 13.58 13.35 -17.70
CA LEU A 27 14.76 13.18 -18.52
C LEU A 27 15.20 14.48 -19.20
N SER A 28 14.27 15.11 -19.92
CA SER A 28 14.60 16.33 -20.67
C SER A 28 14.94 17.48 -19.72
N ARG A 29 14.31 17.50 -18.55
CA ARG A 29 14.59 18.55 -17.57
C ARG A 29 16.00 18.40 -17.03
N PHE A 30 16.40 17.16 -16.76
CA PHE A 30 17.75 16.94 -16.25
C PHE A 30 18.81 17.21 -17.32
N THR A 31 18.64 16.59 -18.49
CA THR A 31 19.65 16.68 -19.56
C THR A 31 19.63 17.99 -20.33
N ARG A 32 18.48 18.37 -20.88
CA ARG A 32 18.41 19.53 -21.77
C ARG A 32 17.73 20.73 -21.15
N ASN A 33 17.32 20.60 -19.89
CA ASN A 33 16.56 21.64 -19.19
C ASN A 33 15.33 22.06 -20.00
N GLU A 34 14.66 21.09 -20.60
CA GLU A 34 13.44 21.35 -21.37
C GLU A 34 12.26 20.66 -20.74
N PHE A 35 11.12 21.32 -20.82
CA PHE A 35 9.86 20.73 -20.39
C PHE A 35 8.87 20.74 -21.53
N ASN A 36 8.07 19.69 -21.62
CA ASN A 36 7.05 19.57 -22.66
C ASN A 36 5.68 19.34 -22.04
N LEU A 37 4.84 20.37 -22.06
CA LEU A 37 3.51 20.28 -21.45
C LEU A 37 2.61 19.32 -22.22
N GLU A 38 2.84 19.26 -23.53
CA GLU A 38 1.97 18.52 -24.43
C GLU A 38 2.60 17.24 -25.00
N SER A 39 3.71 16.79 -24.39
CA SER A 39 4.40 15.60 -24.86
C SER A 39 3.49 14.37 -24.92
N LYS A 40 3.66 13.57 -25.97
CA LYS A 40 2.87 12.35 -26.15
C LYS A 40 3.64 11.14 -25.63
N SER A 41 3.01 9.97 -25.69
CA SER A 41 3.63 8.75 -25.17
C SER A 41 4.88 8.40 -25.98
N THR A 42 5.90 7.84 -25.31
CA THR A 42 7.19 7.59 -25.94
C THR A 42 7.17 6.37 -26.86
N ILE A 43 7.76 6.52 -28.04
CA ILE A 43 7.89 5.40 -28.98
C ILE A 43 9.29 4.81 -28.92
N GLY A 44 9.35 3.48 -28.76
CA GLY A 44 10.62 2.78 -28.61
C GLY A 44 11.33 3.20 -27.35
N VAL A 45 12.65 3.06 -27.32
CA VAL A 45 13.40 3.51 -26.15
C VAL A 45 14.37 4.62 -26.56
N GLU A 46 14.68 5.50 -25.62
CA GLU A 46 15.56 6.63 -25.90
C GLU A 46 16.55 6.78 -24.75
N PHE A 47 17.65 7.47 -24.99
CA PHE A 47 18.55 7.79 -23.89
C PHE A 47 19.29 9.10 -24.15
N ALA A 48 19.64 9.80 -23.08
CA ALA A 48 20.44 11.01 -23.20
C ALA A 48 21.55 11.00 -22.16
N THR A 49 22.57 11.83 -22.34
CA THR A 49 23.69 11.81 -21.41
C THR A 49 23.93 13.18 -20.80
N ARG A 50 24.38 13.19 -19.55
CA ARG A 50 24.83 14.42 -18.92
C ARG A 50 25.91 14.15 -17.89
N SER A 51 26.97 14.95 -17.95
CA SER A 51 28.07 14.80 -17.02
C SER A 51 27.90 15.74 -15.85
N ILE A 52 28.03 15.17 -14.65
CA ILE A 52 28.04 15.99 -13.45
C ILE A 52 29.20 15.58 -12.57
N GLN A 53 29.41 16.36 -11.53
CA GLN A 53 30.51 16.00 -10.70
C GLN A 53 30.22 15.60 -9.27
N VAL A 54 30.81 14.47 -8.89
CA VAL A 54 30.38 13.82 -7.66
C VAL A 54 31.51 13.50 -6.69
N ASP A 55 31.52 14.23 -5.57
CA ASP A 55 32.54 14.11 -4.54
C ASP A 55 33.94 14.11 -5.16
N GLY A 56 34.12 14.91 -6.20
CA GLY A 56 35.41 15.04 -6.86
C GLY A 56 35.70 14.08 -8.01
N LYS A 57 34.94 12.98 -8.10
CA LYS A 57 35.17 11.99 -9.15
C LYS A 57 34.15 12.19 -10.26
N THR A 58 34.61 12.09 -11.52
CA THR A 58 33.73 12.43 -12.66
C THR A 58 32.66 11.41 -12.95
N ILE A 59 31.40 11.86 -12.85
CA ILE A 59 30.32 10.93 -13.12
C ILE A 59 29.52 11.39 -14.31
N LYS A 60 29.45 10.56 -15.34
CA LYS A 60 28.64 10.91 -16.50
C LYS A 60 27.48 9.94 -16.55
N ALA A 61 26.28 10.50 -16.61
CA ALA A 61 25.08 9.71 -16.45
C ALA A 61 24.43 9.50 -17.79
N GLN A 62 24.21 8.24 -18.12
CA GLN A 62 23.54 7.87 -19.34
C GLN A 62 22.14 7.42 -18.96
N ILE A 63 21.18 8.31 -19.14
CA ILE A 63 19.83 8.13 -18.65
C ILE A 63 18.90 7.56 -19.72
N TRP A 64 18.25 6.45 -19.38
CA TRP A 64 17.39 5.70 -20.29
C TRP A 64 15.92 5.94 -20.01
N ASP A 65 15.10 5.94 -21.06
CA ASP A 65 13.68 6.23 -20.97
C ASP A 65 12.88 5.39 -21.98
N THR A 66 11.70 4.94 -21.56
CA THR A 66 10.81 4.18 -22.45
C THR A 66 9.35 4.30 -22.01
N ALA A 67 8.43 3.89 -22.89
CA ALA A 67 7.00 3.97 -22.63
C ALA A 67 6.54 3.15 -21.42
N GLY A 68 5.56 3.69 -20.69
CA GLY A 68 5.03 3.07 -19.48
C GLY A 68 4.19 1.82 -19.58
N LEU A 69 3.42 1.65 -20.64
CA LEU A 69 2.49 0.52 -20.68
C LEU A 69 3.07 -0.66 -21.45
N ARG A 73 3.33 -7.44 -25.78
CA ARG A 73 4.47 -7.44 -24.86
C ARG A 73 5.69 -6.79 -25.49
N ALA A 74 6.46 -6.06 -24.67
CA ALA A 74 7.67 -5.37 -25.13
C ALA A 74 8.94 -6.17 -24.86
N ILE A 75 9.98 -5.96 -25.66
CA ILE A 75 11.25 -6.65 -25.42
C ILE A 75 11.90 -5.94 -24.23
N THR A 76 11.46 -6.33 -23.04
CA THR A 76 11.76 -5.67 -21.79
C THR A 76 13.20 -5.80 -21.25
N SER A 77 13.95 -6.80 -21.70
CA SER A 77 15.25 -7.03 -21.06
C SER A 77 16.47 -6.37 -21.70
N ALA A 78 16.30 -5.72 -22.85
CA ALA A 78 17.37 -4.86 -23.34
C ALA A 78 17.47 -3.56 -22.55
N TYR A 79 16.31 -3.01 -22.18
CA TYR A 79 16.24 -1.77 -21.42
C TYR A 79 16.88 -1.88 -20.04
N TYR A 80 16.57 -2.97 -19.34
CA TYR A 80 17.14 -3.21 -18.02
C TYR A 80 18.58 -3.71 -18.03
N ARG A 81 18.96 -4.43 -19.09
CA ARG A 81 20.29 -5.00 -19.18
C ARG A 81 21.38 -3.93 -19.00
N GLY A 82 22.21 -4.13 -17.99
CA GLY A 82 23.31 -3.22 -17.73
C GLY A 82 22.94 -2.00 -16.91
N ALA A 83 21.70 -1.95 -16.44
CA ALA A 83 21.24 -0.83 -15.64
C ALA A 83 21.75 -0.92 -14.21
N VAL A 84 22.56 0.07 -13.82
CA VAL A 84 23.14 0.13 -12.48
C VAL A 84 22.27 0.97 -11.55
N GLY A 85 21.29 1.66 -12.12
CA GLY A 85 20.36 2.49 -11.37
C GLY A 85 18.98 2.50 -12.01
N ALA A 86 17.97 2.80 -11.21
CA ALA A 86 16.58 2.86 -11.69
C ALA A 86 15.78 3.95 -11.00
N LEU A 87 15.03 4.71 -11.79
CA LEU A 87 14.10 5.70 -11.26
C LEU A 87 12.66 5.20 -11.40
N LEU A 88 12.05 4.82 -10.28
CA LEU A 88 10.67 4.35 -10.28
C LEU A 88 9.73 5.54 -10.12
N VAL A 89 9.00 5.87 -11.17
CA VAL A 89 8.26 7.12 -11.19
C VAL A 89 6.74 6.95 -11.13
N TYR A 90 6.11 7.67 -10.21
CA TYR A 90 4.66 7.71 -10.16
C TYR A 90 4.15 9.17 -10.15
N ASP A 91 2.85 9.34 -10.39
CA ASP A 91 2.22 10.65 -10.42
C ASP A 91 1.56 10.94 -9.07
N ILE A 92 2.00 12.02 -8.43
CA ILE A 92 1.45 12.43 -7.14
C ILE A 92 -0.07 12.68 -7.18
N ALA A 93 -0.58 13.02 -8.37
CA ALA A 93 -1.99 13.38 -8.51
C ALA A 93 -2.89 12.22 -8.99
N LYS A 94 -2.28 11.07 -9.28
CA LYS A 94 -3.03 9.88 -9.65
C LYS A 94 -2.59 8.68 -8.82
N HIS A 95 -3.42 8.29 -7.87
CA HIS A 95 -3.06 7.25 -6.91
C HIS A 95 -2.75 5.91 -7.56
N LEU A 96 -3.38 5.63 -8.71
CA LEU A 96 -3.22 4.36 -9.37
C LEU A 96 -1.79 4.15 -9.87
N THR A 97 -1.18 5.24 -10.34
CA THR A 97 0.22 5.22 -10.75
C THR A 97 1.13 4.83 -9.58
N TYR A 98 0.73 5.23 -8.38
CA TYR A 98 1.46 4.90 -7.17
C TYR A 98 1.19 3.46 -6.72
N GLU A 99 -0.03 3.00 -6.95
CA GLU A 99 -0.39 1.64 -6.61
C GLU A 99 0.37 0.64 -7.47
N ASN A 100 0.67 1.02 -8.70
CA ASN A 100 1.45 0.12 -9.56
C ASN A 100 2.95 0.17 -9.32
N VAL A 101 3.37 0.97 -8.33
CA VAL A 101 4.78 1.05 -7.97
C VAL A 101 5.35 -0.32 -7.53
N GLU A 102 4.59 -1.06 -6.73
CA GLU A 102 5.02 -2.39 -6.28
C GLU A 102 5.28 -3.35 -7.45
N ARG A 103 4.49 -3.18 -8.51
CA ARG A 103 4.58 -4.08 -9.66
C ARG A 103 5.70 -3.64 -10.59
N TRP A 104 5.93 -2.33 -10.65
CA TRP A 104 7.09 -1.80 -11.36
C TRP A 104 8.37 -2.25 -10.68
N LEU A 105 8.28 -2.44 -9.36
CA LEU A 105 9.37 -2.96 -8.54
C LEU A 105 9.62 -4.45 -8.84
N LYS A 106 8.53 -5.21 -8.89
CA LYS A 106 8.61 -6.63 -9.23
C LYS A 106 9.31 -6.80 -10.58
N GLU A 107 8.79 -6.10 -11.59
CA GLU A 107 9.36 -6.18 -12.93
C GLU A 107 10.75 -5.51 -12.93
N LEU A 108 11.02 -4.66 -11.94
CA LEU A 108 12.36 -4.10 -11.78
C LEU A 108 13.42 -5.10 -11.33
N ARG A 109 13.06 -6.08 -10.50
CA ARG A 109 14.12 -7.04 -10.10
C ARG A 109 13.94 -8.49 -10.55
N ASP A 110 12.92 -8.77 -11.35
CA ASP A 110 12.90 -10.05 -12.07
C ASP A 110 13.81 -10.00 -13.32
N HIS A 111 13.58 -8.99 -14.15
CA HIS A 111 14.22 -8.78 -15.46
C HIS A 111 15.34 -7.80 -15.39
N ALA A 112 15.83 -7.57 -14.18
CA ALA A 112 17.03 -6.76 -13.95
C ALA A 112 17.81 -7.13 -12.67
N ASP A 113 18.87 -6.36 -12.40
CA ASP A 113 19.83 -6.62 -11.31
C ASP A 113 19.20 -6.48 -9.93
N SER A 114 19.76 -7.20 -8.94
CA SER A 114 19.16 -7.23 -7.62
C SER A 114 19.92 -6.38 -6.61
N ASN A 115 21.00 -5.72 -7.03
CA ASN A 115 21.55 -4.65 -6.23
C ASN A 115 21.61 -3.43 -7.14
N ILE A 116 20.49 -3.17 -7.81
CA ILE A 116 20.32 -1.95 -8.60
C ILE A 116 19.86 -0.87 -7.62
N VAL A 117 20.39 0.33 -7.76
CA VAL A 117 19.94 1.44 -6.91
C VAL A 117 18.58 1.97 -7.38
N ILE A 118 17.61 2.01 -6.46
CA ILE A 118 16.25 2.43 -6.79
C ILE A 118 15.78 3.62 -5.95
N MET A 119 15.29 4.67 -6.63
CA MET A 119 14.68 5.81 -5.95
C MET A 119 13.22 5.98 -6.33
N LEU A 120 12.37 6.23 -5.33
CA LEU A 120 10.95 6.46 -5.58
C LEU A 120 10.64 7.93 -5.89
N VAL A 121 9.95 8.15 -7.02
CA VAL A 121 9.56 9.47 -7.51
C VAL A 121 8.08 9.41 -7.92
N GLY A 122 7.21 10.32 -7.48
CA GLY A 122 7.56 11.53 -6.78
C GLY A 122 7.34 12.74 -7.68
N ASN A 123 6.63 12.55 -8.79
CA ASN A 123 6.56 13.62 -9.79
C ASN A 123 5.26 14.42 -9.83
N LYS A 124 5.29 15.52 -10.58
CA LYS A 124 4.19 16.49 -10.68
C LYS A 124 3.84 17.07 -9.31
N SER A 125 4.85 17.36 -8.51
CA SER A 125 4.62 17.97 -7.19
C SER A 125 4.08 19.38 -7.32
N ASP A 126 4.14 19.93 -8.52
CA ASP A 126 3.64 21.27 -8.79
C ASP A 126 2.12 21.38 -8.70
N LEU A 127 1.44 20.25 -8.84
CA LEU A 127 -0.01 20.21 -8.70
C LEU A 127 -0.43 19.99 -7.25
N ARG A 128 -0.51 21.06 -6.47
CA ARG A 128 -0.69 20.91 -5.03
C ARG A 128 -2.14 20.67 -4.67
N HIS A 129 -3.05 21.27 -5.43
CA HIS A 129 -4.48 21.17 -5.16
C HIS A 129 -5.07 19.84 -5.63
N LEU A 130 -4.30 19.09 -6.42
CA LEU A 130 -4.75 17.81 -6.97
C LEU A 130 -4.03 16.61 -6.36
N ARG A 131 -3.27 16.85 -5.30
CA ARG A 131 -2.43 15.82 -4.70
C ARG A 131 -3.24 14.59 -4.28
N ALA A 132 -2.94 13.44 -4.88
CA ALA A 132 -3.61 12.19 -4.53
C ALA A 132 -2.84 11.39 -3.49
N VAL A 133 -1.51 11.40 -3.60
CA VAL A 133 -0.65 10.63 -2.71
C VAL A 133 0.00 11.52 -1.66
N PRO A 134 -0.47 11.45 -0.41
CA PRO A 134 0.17 12.21 0.67
C PRO A 134 1.59 11.70 0.89
N THR A 135 2.53 12.63 1.07
CA THR A 135 3.96 12.31 1.14
C THR A 135 4.26 11.20 2.15
N ASP A 136 3.58 11.22 3.30
CA ASP A 136 3.84 10.26 4.36
C ASP A 136 3.65 8.80 3.92
N GLU A 137 2.76 8.58 2.96
CA GLU A 137 2.42 7.21 2.58
C GLU A 137 3.43 6.65 1.59
N ALA A 138 3.92 7.50 0.71
CA ALA A 138 4.93 7.09 -0.25
C ALA A 138 6.28 7.00 0.44
N ARG A 139 6.50 7.84 1.44
CA ARG A 139 7.73 7.80 2.21
C ARG A 139 7.75 6.61 3.15
N ALA A 140 6.58 6.25 3.66
CA ALA A 140 6.43 5.02 4.43
C ALA A 140 6.74 3.80 3.56
N PHE A 141 6.12 3.76 2.39
CA PHE A 141 6.34 2.64 1.48
C PHE A 141 7.81 2.53 1.07
N ALA A 142 8.42 3.65 0.70
CA ALA A 142 9.80 3.63 0.23
C ALA A 142 10.79 3.26 1.34
N GLU A 143 10.67 3.90 2.50
CA GLU A 143 11.49 3.56 3.65
C GLU A 143 11.34 2.07 4.02
N LYS A 144 10.11 1.55 3.97
CA LYS A 144 9.85 0.17 4.35
C LYS A 144 10.36 -0.80 3.27
N ASN A 145 10.49 -0.31 2.03
CA ASN A 145 10.99 -1.12 0.93
C ASN A 145 12.47 -0.83 0.62
N GLY A 146 13.11 -0.03 1.46
CA GLY A 146 14.53 0.25 1.33
C GLY A 146 14.87 1.29 0.28
N LEU A 147 13.86 1.77 -0.43
CA LEU A 147 14.03 2.74 -1.50
C LEU A 147 14.24 4.16 -0.96
N SER A 148 15.08 4.93 -1.63
CA SER A 148 15.18 6.35 -1.32
C SER A 148 13.98 7.06 -1.97
N PHE A 149 13.61 8.21 -1.44
CA PHE A 149 12.37 8.85 -1.85
C PHE A 149 12.51 10.36 -1.99
N ILE A 150 11.91 10.91 -3.04
CA ILE A 150 11.94 12.36 -3.28
C ILE A 150 10.73 12.78 -4.11
N GLU A 151 10.35 14.04 -3.99
CA GLU A 151 9.22 14.57 -4.76
C GLU A 151 9.66 15.66 -5.73
N THR A 152 9.36 15.44 -7.00
CA THR A 152 9.83 16.34 -8.05
C THR A 152 8.71 16.99 -8.85
N SER A 153 9.04 18.09 -9.50
CA SER A 153 8.21 18.63 -10.54
C SER A 153 9.06 18.92 -11.74
N ALA A 154 8.94 18.09 -12.78
CA ALA A 154 9.71 18.32 -13.99
C ALA A 154 9.28 19.65 -14.62
N LEU A 155 8.04 20.05 -14.35
CA LEU A 155 7.52 21.31 -14.89
C LEU A 155 8.27 22.51 -14.32
N ASP A 156 8.27 22.65 -12.99
CA ASP A 156 8.94 23.79 -12.38
C ASP A 156 10.35 23.45 -11.88
N SER A 157 10.86 22.29 -12.30
CA SER A 157 12.26 21.88 -12.12
C SER A 157 12.61 21.45 -10.70
N THR A 158 11.66 21.57 -9.78
CA THR A 158 11.92 21.25 -8.38
C THR A 158 12.42 19.82 -8.18
N ASN A 159 13.54 19.71 -7.48
CA ASN A 159 14.11 18.45 -7.02
C ASN A 159 14.50 17.48 -8.12
N VAL A 160 14.59 17.96 -9.35
CA VAL A 160 15.00 17.10 -10.46
C VAL A 160 16.50 16.84 -10.35
N GLU A 161 17.26 17.94 -10.33
CA GLU A 161 18.69 17.90 -10.13
C GLU A 161 19.02 17.12 -8.86
N ALA A 162 18.32 17.46 -7.78
CA ALA A 162 18.51 16.79 -6.50
C ALA A 162 18.29 15.28 -6.58
N ALA A 163 17.21 14.86 -7.24
CA ALA A 163 16.91 13.45 -7.40
C ALA A 163 18.03 12.72 -8.14
N PHE A 164 18.33 13.20 -9.34
CA PHE A 164 19.34 12.55 -10.17
C PHE A 164 20.69 12.53 -9.47
N GLN A 165 20.99 13.60 -8.73
CA GLN A 165 22.28 13.71 -8.04
C GLN A 165 22.33 12.78 -6.84
N THR A 166 21.18 12.53 -6.22
CA THR A 166 21.10 11.58 -5.11
C THR A 166 21.36 10.17 -5.62
N ILE A 167 20.61 9.74 -6.63
CA ILE A 167 20.80 8.39 -7.15
C ILE A 167 22.23 8.23 -7.71
N LEU A 168 22.78 9.30 -8.28
CA LEU A 168 24.14 9.23 -8.80
C LEU A 168 25.19 9.13 -7.70
N THR A 169 25.07 9.97 -6.67
CA THR A 169 25.97 9.93 -5.52
C THR A 169 25.93 8.56 -4.85
N GLU A 170 24.73 7.96 -4.80
CA GLU A 170 24.57 6.67 -4.16
C GLU A 170 25.16 5.53 -5.00
N ILE A 171 24.93 5.56 -6.31
CA ILE A 171 25.52 4.56 -7.21
C ILE A 171 27.05 4.67 -7.18
N TYR A 172 27.53 5.91 -7.16
CA TYR A 172 28.96 6.20 -7.09
C TYR A 172 29.52 5.59 -5.81
N ARG A 173 28.82 5.84 -4.71
CA ARG A 173 29.26 5.39 -3.40
C ARG A 173 29.34 3.87 -3.33
N ILE A 174 28.36 3.20 -3.95
CA ILE A 174 28.35 1.74 -3.89
C ILE A 174 29.06 1.15 -5.12
N VAL A 175 29.79 2.00 -5.83
CA VAL A 175 30.76 1.48 -6.80
C VAL A 175 32.16 1.84 -6.30
N SER A 176 32.19 2.65 -5.25
CA SER A 176 33.41 2.94 -4.51
C SER A 176 33.74 1.83 -3.50
N GLN A 177 32.70 1.22 -2.94
CA GLN A 177 32.87 0.13 -1.99
C GLN A 177 33.55 -1.08 -2.64
N LYS A 178 32.93 -1.62 -3.68
CA LYS A 178 33.49 -2.77 -4.40
C LYS A 178 34.60 -2.33 -5.35
N GLU B 6 -16.74 -17.47 -22.00
CA GLU B 6 -18.19 -17.35 -21.99
C GLU B 6 -18.80 -18.06 -20.79
N TYR B 7 -19.68 -17.35 -20.08
CA TYR B 7 -20.25 -17.84 -18.83
C TYR B 7 -21.75 -17.52 -18.74
N ASP B 8 -22.36 -17.82 -17.59
CA ASP B 8 -23.78 -17.54 -17.40
C ASP B 8 -24.02 -16.39 -16.42
N TYR B 9 -23.57 -16.53 -15.19
CA TYR B 9 -23.74 -15.47 -14.20
C TYR B 9 -22.39 -14.99 -13.67
N LEU B 10 -22.36 -13.75 -13.16
CA LEU B 10 -21.12 -13.15 -12.68
C LEU B 10 -21.33 -12.54 -11.30
N PHE B 11 -20.63 -13.05 -10.30
CA PHE B 11 -20.81 -12.58 -8.93
C PHE B 11 -19.59 -11.83 -8.42
N LYS B 12 -19.84 -10.71 -7.75
CA LYS B 12 -18.76 -9.93 -7.15
C LYS B 12 -18.72 -10.20 -5.66
N VAL B 13 -17.65 -10.85 -5.22
CA VAL B 13 -17.44 -11.11 -3.81
C VAL B 13 -16.25 -10.30 -3.30
N VAL B 14 -16.43 -9.63 -2.18
CA VAL B 14 -15.35 -8.84 -1.59
C VAL B 14 -14.70 -9.54 -0.41
N LEU B 15 -13.41 -9.28 -0.23
CA LEU B 15 -12.67 -9.79 0.91
C LEU B 15 -12.47 -8.68 1.92
N ILE B 16 -12.89 -8.91 3.16
CA ILE B 16 -12.72 -7.93 4.23
C ILE B 16 -12.20 -8.56 5.52
N GLY B 17 -11.51 -7.77 6.32
CA GLY B 17 -10.95 -8.22 7.58
C GLY B 17 -9.71 -7.41 7.91
N ASP B 18 -9.18 -7.56 9.11
CA ASP B 18 -8.01 -6.81 9.54
C ASP B 18 -6.81 -7.13 8.67
N SER B 19 -5.83 -6.23 8.67
CA SER B 19 -4.61 -6.46 7.91
C SER B 19 -3.83 -7.64 8.48
N GLY B 20 -3.37 -8.53 7.61
CA GLY B 20 -2.55 -9.65 8.02
C GLY B 20 -3.29 -10.93 8.35
N VAL B 21 -4.59 -10.97 8.04
CA VAL B 21 -5.39 -12.17 8.30
C VAL B 21 -5.31 -13.17 7.16
N GLY B 22 -4.84 -12.72 6.00
CA GLY B 22 -4.62 -13.61 4.87
C GLY B 22 -5.53 -13.45 3.65
N LYS B 23 -6.23 -12.32 3.57
CA LYS B 23 -7.14 -12.03 2.47
C LYS B 23 -6.52 -12.25 1.09
N SER B 24 -5.35 -11.67 0.85
CA SER B 24 -4.71 -11.76 -0.46
C SER B 24 -4.23 -13.17 -0.74
N ASN B 25 -3.84 -13.89 0.30
CA ASN B 25 -3.39 -15.26 0.10
C ASN B 25 -4.57 -16.21 -0.09
N LEU B 26 -5.69 -15.91 0.54
CA LEU B 26 -6.93 -16.61 0.23
C LEU B 26 -7.30 -16.41 -1.23
N LEU B 27 -7.28 -15.15 -1.66
CA LEU B 27 -7.56 -14.79 -3.05
C LEU B 27 -6.68 -15.54 -4.04
N SER B 28 -5.36 -15.46 -3.83
CA SER B 28 -4.40 -16.08 -4.71
C SER B 28 -4.51 -17.60 -4.68
N ARG B 29 -4.85 -18.14 -3.51
CA ARG B 29 -5.05 -19.58 -3.38
C ARG B 29 -6.26 -20.05 -4.18
N PHE B 30 -7.34 -19.30 -4.09
CA PHE B 30 -8.57 -19.64 -4.80
C PHE B 30 -8.43 -19.50 -6.32
N THR B 31 -7.97 -18.33 -6.76
CA THR B 31 -7.90 -18.01 -8.18
C THR B 31 -6.72 -18.66 -8.91
N ARG B 32 -5.51 -18.46 -8.39
CA ARG B 32 -4.30 -18.92 -9.11
C ARG B 32 -3.64 -20.13 -8.42
N ASN B 33 -4.25 -20.61 -7.35
CA ASN B 33 -3.71 -21.73 -6.56
C ASN B 33 -2.26 -21.51 -6.11
N GLU B 34 -1.94 -20.26 -5.77
CA GLU B 34 -0.61 -19.95 -5.26
C GLU B 34 -0.65 -19.26 -3.90
N PHE B 35 0.34 -19.56 -3.07
CA PHE B 35 0.48 -18.94 -1.77
C PHE B 35 1.81 -18.22 -1.66
N ASN B 36 1.81 -17.08 -0.99
CA ASN B 36 3.02 -16.32 -0.79
C ASN B 36 3.23 -16.06 0.69
N LEU B 37 4.25 -16.70 1.26
CA LEU B 37 4.54 -16.57 2.68
C LEU B 37 4.99 -15.16 3.00
N GLU B 38 5.62 -14.53 2.01
CA GLU B 38 6.28 -13.26 2.22
C GLU B 38 5.57 -12.06 1.61
N SER B 39 4.34 -12.28 1.15
CA SER B 39 3.56 -11.22 0.53
C SER B 39 3.40 -10.02 1.45
N LYS B 40 3.51 -8.83 0.87
CA LYS B 40 3.35 -7.62 1.66
C LYS B 40 1.92 -7.12 1.58
N SER B 41 1.61 -6.07 2.35
CA SER B 41 0.26 -5.54 2.40
C SER B 41 -0.14 -4.93 1.05
N THR B 42 -1.42 -5.05 0.70
CA THR B 42 -1.94 -4.64 -0.60
C THR B 42 -2.04 -3.13 -0.74
N ILE B 43 -1.59 -2.60 -1.88
CA ILE B 43 -1.72 -1.18 -2.16
C ILE B 43 -2.89 -0.95 -3.11
N GLY B 44 -3.78 -0.04 -2.73
CA GLY B 44 -4.98 0.21 -3.52
C GLY B 44 -5.87 -1.02 -3.54
N VAL B 45 -6.67 -1.16 -4.60
CA VAL B 45 -7.53 -2.32 -4.72
C VAL B 45 -7.15 -3.22 -5.89
N GLU B 46 -7.44 -4.50 -5.74
CA GLU B 46 -7.15 -5.51 -6.75
C GLU B 46 -8.33 -6.47 -6.87
N PHE B 47 -8.38 -7.22 -7.96
CA PHE B 47 -9.36 -8.28 -8.08
C PHE B 47 -8.85 -9.39 -8.98
N ALA B 48 -9.33 -10.61 -8.72
CA ALA B 48 -9.00 -11.72 -9.60
C ALA B 48 -10.28 -12.49 -9.89
N THR B 49 -10.26 -13.30 -10.93
CA THR B 49 -11.45 -14.01 -11.37
C THR B 49 -11.25 -15.52 -11.43
N ARG B 50 -12.31 -16.27 -11.15
CA ARG B 50 -12.26 -17.71 -11.43
C ARG B 50 -13.64 -18.30 -11.72
N SER B 51 -13.71 -19.13 -12.76
CA SER B 51 -14.97 -19.78 -13.11
C SER B 51 -15.08 -21.18 -12.48
N ILE B 52 -16.23 -21.43 -11.88
CA ILE B 52 -16.57 -22.73 -11.32
C ILE B 52 -17.94 -23.13 -11.83
N GLN B 53 -18.37 -24.36 -11.56
CA GLN B 53 -19.66 -24.79 -12.07
C GLN B 53 -20.64 -25.00 -10.92
N VAL B 54 -21.82 -24.41 -11.03
CA VAL B 54 -22.74 -24.41 -9.89
C VAL B 54 -24.15 -24.79 -10.37
N ASP B 55 -24.63 -25.96 -9.95
CA ASP B 55 -25.93 -26.51 -10.37
C ASP B 55 -26.14 -26.46 -11.89
N GLY B 56 -25.08 -26.76 -12.63
CA GLY B 56 -25.17 -26.82 -14.08
C GLY B 56 -24.89 -25.49 -14.76
N LYS B 57 -24.96 -24.41 -13.99
CA LYS B 57 -24.76 -23.07 -14.54
C LYS B 57 -23.36 -22.53 -14.24
N THR B 58 -22.71 -21.95 -15.25
CA THR B 58 -21.35 -21.45 -15.09
C THR B 58 -21.35 -20.18 -14.24
N ILE B 59 -20.59 -20.22 -13.14
CA ILE B 59 -20.49 -19.04 -12.30
C ILE B 59 -19.08 -18.54 -12.36
N LYS B 60 -18.93 -17.27 -12.73
CA LYS B 60 -17.60 -16.69 -12.75
C LYS B 60 -17.53 -15.72 -11.60
N ALA B 61 -16.51 -15.89 -10.79
CA ALA B 61 -16.40 -15.18 -9.53
C ALA B 61 -15.40 -14.06 -9.66
N GLN B 62 -15.88 -12.87 -9.31
CA GLN B 62 -15.06 -11.66 -9.32
C GLN B 62 -14.70 -11.32 -7.88
N ILE B 63 -13.50 -11.70 -7.47
CA ILE B 63 -13.11 -11.57 -6.08
C ILE B 63 -12.27 -10.32 -5.89
N TRP B 64 -12.73 -9.44 -5.01
CA TRP B 64 -12.09 -8.17 -4.78
C TRP B 64 -11.30 -8.20 -3.48
N ASP B 65 -10.18 -7.49 -3.48
CA ASP B 65 -9.28 -7.47 -2.33
C ASP B 65 -8.62 -6.11 -2.15
N THR B 66 -8.47 -5.71 -0.90
CA THR B 66 -7.80 -4.47 -0.57
C THR B 66 -7.22 -4.56 0.83
N ALA B 67 -6.31 -3.64 1.15
CA ALA B 67 -5.69 -3.63 2.47
C ALA B 67 -6.74 -3.40 3.54
N GLY B 68 -6.55 -4.03 4.69
CA GLY B 68 -7.49 -3.90 5.80
C GLY B 68 -7.44 -2.52 6.39
N LEU B 69 -6.28 -1.89 6.34
CA LEU B 69 -6.05 -0.60 6.98
C LEU B 69 -6.21 0.56 6.00
N GLU B 70 -7.16 1.45 6.30
CA GLU B 70 -7.40 2.62 5.48
C GLU B 70 -6.75 3.88 6.05
N ARG B 71 -5.53 3.75 6.53
CA ARG B 71 -4.84 4.83 7.22
C ARG B 71 -4.78 6.11 6.39
N TYR B 72 -4.10 6.05 5.25
CA TYR B 72 -3.84 7.24 4.45
C TYR B 72 -4.99 7.56 3.49
N ARG B 73 -5.53 6.52 2.87
CA ARG B 73 -6.69 6.65 2.00
C ARG B 73 -7.85 5.88 2.62
N ALA B 74 -9.07 6.36 2.45
CA ALA B 74 -10.22 5.71 3.09
C ALA B 74 -10.75 4.59 2.20
N ILE B 75 -11.41 3.60 2.81
CA ILE B 75 -11.89 2.45 2.06
C ILE B 75 -13.08 2.80 1.18
N THR B 76 -12.88 2.64 -0.12
CA THR B 76 -13.87 3.05 -1.09
C THR B 76 -15.12 2.18 -0.92
N SER B 77 -16.29 2.80 -1.05
CA SER B 77 -17.55 2.07 -0.91
C SER B 77 -18.05 1.70 -2.30
N ALA B 78 -17.31 2.14 -3.31
CA ALA B 78 -17.44 1.62 -4.67
C ALA B 78 -16.93 0.19 -4.65
N TYR B 79 -15.96 -0.05 -3.77
CA TYR B 79 -15.43 -1.38 -3.48
C TYR B 79 -16.55 -2.28 -2.98
N TYR B 80 -17.40 -1.72 -2.12
CA TYR B 80 -18.57 -2.43 -1.62
C TYR B 80 -19.68 -2.50 -2.67
N ARG B 81 -19.76 -1.46 -3.51
CA ARG B 81 -20.82 -1.34 -4.51
C ARG B 81 -20.93 -2.54 -5.45
N GLY B 82 -22.10 -3.17 -5.46
CA GLY B 82 -22.36 -4.28 -6.36
C GLY B 82 -21.90 -5.63 -5.83
N ALA B 83 -21.42 -5.64 -4.59
CA ALA B 83 -20.95 -6.87 -3.97
C ALA B 83 -22.13 -7.73 -3.52
N VAL B 84 -22.22 -8.92 -4.08
CA VAL B 84 -23.31 -9.85 -3.74
C VAL B 84 -22.88 -10.83 -2.63
N GLY B 85 -21.59 -10.85 -2.34
CA GLY B 85 -21.06 -11.70 -1.29
C GLY B 85 -19.85 -11.09 -0.62
N ALA B 86 -19.58 -11.50 0.61
CA ALA B 86 -18.45 -10.99 1.36
C ALA B 86 -17.84 -12.06 2.25
N LEU B 87 -16.51 -12.15 2.24
CA LEU B 87 -15.81 -13.01 3.19
C LEU B 87 -15.21 -12.16 4.30
N LEU B 88 -15.80 -12.26 5.48
CA LEU B 88 -15.28 -11.55 6.64
C LEU B 88 -14.23 -12.46 7.29
N VAL B 89 -12.97 -12.08 7.16
CA VAL B 89 -11.84 -12.93 7.51
C VAL B 89 -11.12 -12.44 8.77
N TYR B 90 -10.94 -13.34 9.72
CA TYR B 90 -10.15 -13.08 10.91
C TYR B 90 -9.07 -14.14 11.04
N ASP B 91 -8.09 -13.88 11.90
CA ASP B 91 -6.99 -14.81 12.15
C ASP B 91 -7.27 -15.62 13.42
N ILE B 92 -7.36 -16.94 13.29
CA ILE B 92 -7.62 -17.80 14.46
C ILE B 92 -6.52 -17.65 15.51
N ALA B 93 -5.34 -17.22 15.09
CA ALA B 93 -4.18 -17.12 15.96
C ALA B 93 -4.01 -15.72 16.55
N LYS B 94 -4.86 -14.78 16.15
CA LYS B 94 -4.88 -13.44 16.74
C LYS B 94 -6.29 -13.05 17.15
N HIS B 95 -6.56 -13.06 18.45
CA HIS B 95 -7.92 -12.85 18.95
C HIS B 95 -8.52 -11.48 18.63
N LEU B 96 -7.70 -10.44 18.57
CA LEU B 96 -8.26 -9.11 18.35
C LEU B 96 -8.81 -8.96 16.93
N THR B 97 -8.21 -9.66 15.97
CA THR B 97 -8.77 -9.71 14.61
C THR B 97 -10.20 -10.26 14.64
N TYR B 98 -10.46 -11.17 15.58
CA TYR B 98 -11.79 -11.74 15.75
C TYR B 98 -12.68 -10.77 16.53
N GLU B 99 -12.05 -9.97 17.40
CA GLU B 99 -12.78 -8.95 18.13
C GLU B 99 -13.32 -7.85 17.20
N ASN B 100 -12.57 -7.54 16.14
CA ASN B 100 -13.00 -6.53 15.16
C ASN B 100 -13.96 -7.08 14.12
N VAL B 101 -14.32 -8.35 14.24
CA VAL B 101 -15.28 -8.96 13.34
C VAL B 101 -16.63 -8.24 13.41
N GLU B 102 -17.06 -7.91 14.62
CA GLU B 102 -18.31 -7.20 14.83
C GLU B 102 -18.34 -5.85 14.11
N ARG B 103 -17.16 -5.21 14.02
CA ARG B 103 -17.08 -3.89 13.42
C ARG B 103 -16.94 -3.97 11.91
N TRP B 104 -16.25 -5.00 11.43
CA TRP B 104 -16.19 -5.24 9.99
C TRP B 104 -17.56 -5.61 9.46
N LEU B 105 -18.34 -6.32 10.28
CA LEU B 105 -19.71 -6.70 9.95
C LEU B 105 -20.63 -5.47 9.98
N LYS B 106 -20.49 -4.68 11.03
CA LYS B 106 -21.26 -3.46 11.18
C LYS B 106 -21.07 -2.56 9.97
N GLU B 107 -19.82 -2.25 9.64
CA GLU B 107 -19.54 -1.38 8.50
C GLU B 107 -19.88 -2.08 7.19
N LEU B 108 -19.89 -3.42 7.21
CA LEU B 108 -20.34 -4.19 6.06
C LEU B 108 -21.83 -3.97 5.80
N ARG B 109 -22.60 -3.66 6.84
CA ARG B 109 -24.04 -3.45 6.63
C ARG B 109 -24.47 -1.98 6.81
N ASP B 110 -23.52 -1.10 7.08
CA ASP B 110 -23.74 0.35 6.98
C ASP B 110 -23.42 0.92 5.59
N HIS B 111 -22.17 0.78 5.16
CA HIS B 111 -21.68 1.40 3.93
C HIS B 111 -21.72 0.39 2.81
N ALA B 112 -22.53 -0.63 3.00
CA ALA B 112 -22.80 -1.59 1.93
C ALA B 112 -24.18 -2.20 2.09
N ASP B 113 -24.48 -3.11 1.17
CA ASP B 113 -25.80 -3.69 1.09
C ASP B 113 -26.04 -4.61 2.31
N SER B 114 -27.30 -4.70 2.74
CA SER B 114 -27.70 -5.49 3.90
C SER B 114 -28.46 -6.69 3.34
N ASN B 115 -28.43 -6.80 2.03
CA ASN B 115 -28.89 -7.97 1.33
C ASN B 115 -27.75 -8.91 0.94
N ILE B 116 -26.55 -8.62 1.44
CA ILE B 116 -25.35 -9.35 1.09
C ILE B 116 -25.14 -10.67 1.86
N VAL B 117 -24.69 -11.69 1.12
CA VAL B 117 -24.33 -12.96 1.69
C VAL B 117 -22.97 -12.81 2.36
N ILE B 118 -22.90 -13.13 3.64
CA ILE B 118 -21.67 -12.96 4.40
C ILE B 118 -21.20 -14.27 5.01
N MET B 119 -19.93 -14.59 4.77
CA MET B 119 -19.32 -15.76 5.39
C MET B 119 -18.20 -15.35 6.33
N LEU B 120 -18.24 -15.90 7.53
CA LEU B 120 -17.18 -15.66 8.50
C LEU B 120 -16.08 -16.67 8.25
N VAL B 121 -14.85 -16.20 8.14
CA VAL B 121 -13.75 -17.11 7.84
C VAL B 121 -12.63 -16.99 8.85
N GLY B 122 -12.29 -18.11 9.47
CA GLY B 122 -11.17 -18.19 10.37
C GLY B 122 -9.96 -18.76 9.63
N ASN B 123 -8.97 -17.92 9.40
CA ASN B 123 -7.84 -18.31 8.58
C ASN B 123 -6.64 -18.68 9.46
N LYS B 124 -5.60 -19.22 8.82
CA LYS B 124 -4.41 -19.71 9.50
C LYS B 124 -4.74 -20.83 10.50
N SER B 125 -5.64 -21.73 10.11
CA SER B 125 -5.99 -22.88 10.95
C SER B 125 -4.82 -23.86 11.04
N ASP B 126 -3.82 -23.68 10.20
CA ASP B 126 -2.61 -24.51 10.22
C ASP B 126 -1.77 -24.20 11.45
N LEU B 127 -2.00 -23.04 12.07
CA LEU B 127 -1.30 -22.70 13.30
C LEU B 127 -2.09 -23.25 14.48
N ARG B 128 -1.87 -24.54 14.76
CA ARG B 128 -2.66 -25.27 15.71
C ARG B 128 -2.22 -24.97 17.13
N HIS B 129 -0.93 -24.73 17.31
CA HIS B 129 -0.38 -24.43 18.63
C HIS B 129 -0.64 -22.97 19.04
N LEU B 130 -1.06 -22.15 18.09
CA LEU B 130 -1.27 -20.73 18.33
C LEU B 130 -2.74 -20.28 18.37
N ARG B 131 -3.68 -21.21 18.31
CA ARG B 131 -5.11 -20.85 18.26
C ARG B 131 -5.54 -19.98 19.44
N ALA B 132 -6.00 -18.78 19.12
CA ALA B 132 -6.52 -17.84 20.12
C ALA B 132 -8.04 -17.92 20.22
N VAL B 133 -8.70 -18.13 19.08
CA VAL B 133 -10.15 -18.17 19.00
C VAL B 133 -10.68 -19.59 18.88
N PRO B 134 -11.34 -20.10 19.94
CA PRO B 134 -11.95 -21.43 19.88
C PRO B 134 -13.07 -21.48 18.85
N THR B 135 -13.07 -22.53 18.02
CA THR B 135 -14.01 -22.65 16.91
C THR B 135 -15.48 -22.52 17.31
N ASP B 136 -15.85 -23.15 18.41
CA ASP B 136 -17.24 -23.20 18.87
C ASP B 136 -17.82 -21.82 19.13
N GLU B 137 -16.96 -20.89 19.50
CA GLU B 137 -17.42 -19.55 19.88
C GLU B 137 -17.61 -18.68 18.63
N ALA B 138 -16.76 -18.88 17.63
CA ALA B 138 -16.89 -18.12 16.39
C ALA B 138 -18.05 -18.66 15.58
N ARG B 139 -18.29 -19.96 15.68
CA ARG B 139 -19.43 -20.55 14.98
C ARG B 139 -20.69 -20.15 15.74
N ALA B 140 -20.57 -19.95 17.05
CA ALA B 140 -21.67 -19.37 17.83
C ALA B 140 -22.02 -17.95 17.35
N PHE B 141 -21.01 -17.10 17.21
CA PHE B 141 -21.20 -15.73 16.77
C PHE B 141 -21.84 -15.67 15.39
N ALA B 142 -21.33 -16.50 14.48
CA ALA B 142 -21.84 -16.55 13.12
C ALA B 142 -23.28 -17.04 13.13
N GLU B 143 -23.51 -18.07 13.93
CA GLU B 143 -24.83 -18.64 14.18
C GLU B 143 -25.85 -17.59 14.61
N LYS B 144 -25.45 -16.74 15.56
CA LYS B 144 -26.36 -15.73 16.08
C LYS B 144 -26.54 -14.56 15.12
N ASN B 145 -25.54 -14.33 14.26
CA ASN B 145 -25.62 -13.21 13.32
C ASN B 145 -26.03 -13.61 11.90
N GLY B 146 -26.43 -14.86 11.72
CA GLY B 146 -26.93 -15.30 10.44
C GLY B 146 -25.84 -15.59 9.42
N LEU B 147 -24.59 -15.35 9.83
CA LEU B 147 -23.44 -15.57 8.97
C LEU B 147 -23.09 -17.05 8.91
N SER B 148 -22.67 -17.52 7.74
CA SER B 148 -22.11 -18.86 7.63
C SER B 148 -20.66 -18.86 8.11
N PHE B 149 -20.15 -20.01 8.53
CA PHE B 149 -18.84 -20.09 9.18
C PHE B 149 -18.00 -21.27 8.69
N ILE B 150 -16.71 -21.03 8.53
CA ILE B 150 -15.76 -22.06 8.12
C ILE B 150 -14.36 -21.66 8.57
N GLU B 151 -13.47 -22.63 8.73
CA GLU B 151 -12.10 -22.33 9.09
C GLU B 151 -11.17 -22.79 7.98
N THR B 152 -10.36 -21.86 7.48
CA THR B 152 -9.52 -22.13 6.32
C THR B 152 -8.06 -21.97 6.67
N SER B 153 -7.22 -22.58 5.85
CA SER B 153 -5.80 -22.25 5.85
C SER B 153 -5.33 -22.01 4.43
N ALA B 154 -5.09 -20.75 4.10
CA ALA B 154 -4.61 -20.40 2.77
C ALA B 154 -3.25 -21.03 2.53
N LEU B 155 -2.50 -21.23 3.61
CA LEU B 155 -1.17 -21.82 3.52
C LEU B 155 -1.21 -23.26 3.03
N ASP B 156 -1.91 -24.14 3.74
CA ASP B 156 -1.96 -25.54 3.33
C ASP B 156 -3.24 -25.88 2.54
N SER B 157 -3.97 -24.83 2.12
CA SER B 157 -5.08 -24.91 1.16
C SER B 157 -6.37 -25.51 1.73
N THR B 158 -6.33 -25.91 2.99
CA THR B 158 -7.50 -26.50 3.64
C THR B 158 -8.73 -25.59 3.60
N ASN B 159 -9.83 -26.13 3.08
CA ASN B 159 -11.14 -25.49 3.08
C ASN B 159 -11.26 -24.15 2.36
N VAL B 160 -10.29 -23.81 1.53
CA VAL B 160 -10.37 -22.56 0.78
C VAL B 160 -11.40 -22.71 -0.33
N GLU B 161 -11.17 -23.72 -1.17
CA GLU B 161 -12.08 -24.07 -2.24
C GLU B 161 -13.49 -24.28 -1.71
N ALA B 162 -13.60 -25.05 -0.62
CA ALA B 162 -14.89 -25.29 0.00
C ALA B 162 -15.58 -24.00 0.40
N ALA B 163 -14.86 -23.10 1.07
CA ALA B 163 -15.44 -21.84 1.51
C ALA B 163 -15.97 -21.01 0.33
N PHE B 164 -15.10 -20.77 -0.67
CA PHE B 164 -15.50 -19.94 -1.80
C PHE B 164 -16.67 -20.56 -2.58
N GLN B 165 -16.65 -21.88 -2.74
CA GLN B 165 -17.71 -22.51 -3.54
C GLN B 165 -19.00 -22.56 -2.75
N THR B 166 -18.89 -22.64 -1.43
CA THR B 166 -20.06 -22.61 -0.59
C THR B 166 -20.75 -21.25 -0.68
N ILE B 167 -20.00 -20.18 -0.46
CA ILE B 167 -20.60 -18.84 -0.51
C ILE B 167 -21.14 -18.55 -1.92
N LEU B 168 -20.45 -19.07 -2.94
CA LEU B 168 -20.89 -18.87 -4.31
C LEU B 168 -22.20 -19.58 -4.61
N THR B 169 -22.30 -20.86 -4.22
CA THR B 169 -23.54 -21.61 -4.38
C THR B 169 -24.69 -20.95 -3.63
N GLU B 170 -24.41 -20.41 -2.46
CA GLU B 170 -25.48 -19.79 -1.68
C GLU B 170 -25.95 -18.51 -2.36
N ILE B 171 -25.00 -17.73 -2.89
CA ILE B 171 -25.36 -16.53 -3.63
C ILE B 171 -26.17 -16.88 -4.86
N TYR B 172 -25.76 -17.92 -5.58
CA TYR B 172 -26.47 -18.36 -6.78
C TYR B 172 -27.89 -18.81 -6.51
N ARG B 173 -28.05 -19.74 -5.57
CA ARG B 173 -29.35 -20.39 -5.39
C ARG B 173 -30.44 -19.38 -5.01
N ILE B 174 -30.10 -18.43 -4.15
CA ILE B 174 -31.08 -17.46 -3.67
C ILE B 174 -31.12 -16.12 -4.41
N VAL B 175 -30.55 -16.05 -5.61
CA VAL B 175 -30.75 -14.87 -6.45
C VAL B 175 -31.60 -15.23 -7.66
N SER B 176 -32.00 -16.50 -7.74
CA SER B 176 -33.00 -16.92 -8.71
C SER B 176 -34.35 -16.41 -8.21
N GLN B 177 -34.48 -16.34 -6.89
CA GLN B 177 -35.66 -15.78 -6.23
C GLN B 177 -36.96 -16.49 -6.63
N GLN C 23 -41.20 13.01 -25.43
CA GLN C 23 -40.69 14.36 -25.24
C GLN C 23 -39.94 14.84 -26.48
N PRO C 24 -39.97 16.16 -26.74
CA PRO C 24 -39.21 16.71 -27.87
C PRO C 24 -37.71 16.55 -27.66
N ILE C 25 -36.91 16.85 -28.68
CA ILE C 25 -35.46 16.72 -28.51
C ILE C 25 -34.79 18.08 -28.42
N VAL C 26 -33.96 18.24 -27.40
CA VAL C 26 -33.12 19.43 -27.27
C VAL C 26 -31.69 19.06 -27.66
N LYS C 27 -31.05 19.89 -28.45
CA LYS C 27 -29.68 19.60 -28.84
C LYS C 27 -28.75 20.58 -28.14
N ASP C 28 -27.72 20.05 -27.49
CA ASP C 28 -26.69 20.88 -26.88
C ASP C 28 -25.85 21.56 -27.95
N CYS C 29 -25.72 22.88 -27.84
CA CYS C 29 -24.96 23.63 -28.82
C CYS C 29 -23.91 24.48 -28.12
N LYS C 30 -22.95 24.97 -28.89
CA LYS C 30 -21.87 25.75 -28.36
C LYS C 30 -21.46 26.86 -29.34
N GLU C 31 -21.51 28.11 -28.88
CA GLU C 31 -21.16 29.25 -29.72
C GLU C 31 -20.40 30.34 -28.95
N ALA C 32 -19.27 30.75 -29.49
CA ALA C 32 -18.39 31.70 -28.81
C ALA C 32 -18.99 33.09 -28.70
N ASP C 33 -19.11 33.61 -27.48
CA ASP C 33 -19.49 34.99 -27.27
C ASP C 33 -18.35 35.89 -27.72
N LEU C 34 -18.64 36.84 -28.59
CA LEU C 34 -17.59 37.58 -29.27
C LEU C 34 -16.89 38.58 -28.36
N SER C 35 -17.60 39.08 -27.34
CA SER C 35 -16.98 39.97 -26.37
C SER C 35 -15.91 39.23 -25.56
N LEU C 36 -16.30 38.13 -24.93
CA LEU C 36 -15.37 37.29 -24.18
C LEU C 36 -14.25 36.76 -25.07
N TYR C 37 -14.58 36.50 -26.33
CA TYR C 37 -13.63 35.93 -27.28
C TYR C 37 -12.57 36.95 -27.72
N ASN C 38 -12.99 38.18 -28.02
CA ASN C 38 -12.04 39.21 -28.42
C ASN C 38 -11.20 39.60 -27.21
N GLU C 39 -11.85 39.64 -26.05
CA GLU C 39 -11.17 39.88 -24.79
C GLU C 39 -10.06 38.87 -24.57
N PHE C 40 -10.40 37.59 -24.68
CA PHE C 40 -9.42 36.55 -24.50
C PHE C 40 -8.34 36.57 -25.57
N ARG C 41 -8.68 36.93 -26.81
CA ARG C 41 -7.66 36.91 -27.86
C ARG C 41 -6.67 38.04 -27.65
N LEU C 42 -7.15 39.11 -27.03
CA LEU C 42 -6.30 40.26 -26.78
C LEU C 42 -5.59 40.11 -25.44
N TRP C 43 -5.98 39.11 -24.65
CA TRP C 43 -5.16 38.71 -23.52
C TRP C 43 -4.10 37.69 -23.92
N LYS C 44 -4.47 36.84 -24.87
CA LYS C 44 -3.61 35.82 -25.43
C LYS C 44 -2.47 36.48 -26.18
N ASP C 45 -2.76 37.56 -26.89
CA ASP C 45 -1.70 38.26 -27.64
C ASP C 45 -0.60 38.84 -26.74
N GLU C 46 -0.96 39.26 -25.52
CA GLU C 46 0.05 39.68 -24.53
C GLU C 46 -0.35 39.23 -23.12
N PRO C 47 0.00 37.98 -22.79
CA PRO C 47 -0.40 37.31 -21.53
C PRO C 47 0.13 37.96 -20.26
N THR C 48 -0.73 38.12 -19.26
CA THR C 48 -0.32 38.58 -17.95
C THR C 48 -1.17 37.94 -16.84
N MET C 49 -0.61 37.86 -15.64
CA MET C 49 -1.40 37.43 -14.48
C MET C 49 -1.88 38.64 -13.71
N ASP C 50 -1.77 39.82 -14.30
CA ASP C 50 -2.04 41.05 -13.56
C ASP C 50 -3.54 41.07 -13.27
N ARG C 51 -3.87 41.31 -12.01
CA ARG C 51 -5.24 41.20 -11.51
C ARG C 51 -6.17 42.21 -12.18
N THR C 52 -5.63 43.32 -12.66
CA THR C 52 -6.46 44.40 -13.22
C THR C 52 -6.72 44.28 -14.73
N CYS C 53 -6.08 43.32 -15.38
CA CYS C 53 -6.34 43.10 -16.80
C CYS C 53 -7.80 42.69 -16.95
N PRO C 54 -8.50 43.29 -17.93
CA PRO C 54 -9.95 43.10 -18.09
C PRO C 54 -10.36 41.64 -18.05
N PHE C 55 -9.67 40.80 -18.84
CA PHE C 55 -9.93 39.37 -18.91
C PHE C 55 -9.99 38.71 -17.52
N LEU C 56 -8.95 38.91 -16.71
CA LEU C 56 -8.96 38.35 -15.37
C LEU C 56 -9.93 39.08 -14.45
N ASP C 57 -10.08 40.39 -14.62
CA ASP C 57 -10.94 41.17 -13.74
C ASP C 57 -12.38 40.66 -13.76
N LYS C 58 -12.91 40.51 -14.99
CA LYS C 58 -14.25 39.98 -15.16
C LYS C 58 -14.44 38.64 -14.44
N ILE C 59 -13.53 37.70 -14.69
CA ILE C 59 -13.61 36.37 -14.12
C ILE C 59 -13.49 36.39 -12.60
N TYR C 60 -12.69 37.32 -12.09
CA TYR C 60 -12.61 37.54 -10.66
C TYR C 60 -13.98 37.92 -10.13
N GLN C 61 -14.63 38.87 -10.79
CA GLN C 61 -15.92 39.37 -10.30
C GLN C 61 -17.06 38.35 -10.39
N GLU C 62 -17.13 37.67 -11.53
CA GLU C 62 -18.23 36.75 -11.83
C GLU C 62 -18.01 35.32 -11.33
N ASP C 63 -16.76 34.88 -11.26
CA ASP C 63 -16.46 33.47 -10.96
C ASP C 63 -15.70 33.28 -9.65
N ILE C 64 -14.49 33.82 -9.58
CA ILE C 64 -13.59 33.53 -8.47
C ILE C 64 -14.11 34.01 -7.12
N PHE C 65 -14.42 35.31 -7.01
CA PHE C 65 -14.89 35.86 -5.75
C PHE C 65 -16.14 35.17 -5.20
N PRO C 66 -17.18 34.96 -6.04
CA PRO C 66 -18.33 34.25 -5.45
C PRO C 66 -18.03 32.79 -5.11
N CYS C 67 -17.06 32.20 -5.81
CA CYS C 67 -16.77 30.79 -5.69
C CYS C 67 -15.98 30.47 -4.43
N LEU C 68 -15.18 31.43 -3.97
CA LEU C 68 -14.39 31.28 -2.74
C LEU C 68 -15.04 32.01 -1.57
N THR C 69 -16.30 32.38 -1.74
CA THR C 69 -17.04 33.03 -0.67
C THR C 69 -17.60 31.98 0.30
N PHE C 70 -17.09 32.00 1.53
CA PHE C 70 -17.52 31.04 2.54
C PHE C 70 -17.90 31.80 3.80
N SER C 71 -18.51 31.11 4.77
CA SER C 71 -19.06 31.75 5.96
C SER C 71 -17.98 32.26 6.93
N LYS C 72 -16.92 31.48 7.10
CA LYS C 72 -15.74 31.94 7.82
C LYS C 72 -14.87 32.59 6.76
N SER C 73 -14.76 33.92 6.78
CA SER C 73 -14.24 34.60 5.61
C SER C 73 -12.84 35.16 5.72
N GLU C 74 -12.23 35.04 6.90
CA GLU C 74 -10.84 35.45 7.01
C GLU C 74 -10.03 34.25 6.54
N LEU C 75 -10.55 33.08 6.87
CA LEU C 75 -10.06 31.83 6.34
C LEU C 75 -10.29 31.79 4.84
N ALA C 76 -11.46 32.24 4.39
CA ALA C 76 -11.78 32.23 2.97
C ALA C 76 -10.86 33.14 2.17
N SER C 77 -10.62 34.35 2.68
CA SER C 77 -9.74 35.29 2.01
C SER C 77 -8.28 34.82 2.04
N ALA C 78 -7.90 34.22 3.17
CA ALA C 78 -6.58 33.61 3.28
C ALA C 78 -6.41 32.52 2.22
N VAL C 79 -7.48 31.75 2.01
CA VAL C 79 -7.52 30.70 1.00
C VAL C 79 -7.39 31.28 -0.40
N LEU C 80 -8.11 32.37 -0.68
CA LEU C 80 -8.01 33.02 -1.98
C LEU C 80 -6.58 33.47 -2.26
N GLU C 81 -5.99 34.17 -1.30
CA GLU C 81 -4.62 34.64 -1.43
C GLU C 81 -3.69 33.46 -1.65
N ALA C 82 -3.92 32.38 -0.92
CA ALA C 82 -3.15 31.15 -1.08
C ALA C 82 -3.28 30.58 -2.49
N VAL C 83 -4.46 30.73 -3.07
CA VAL C 83 -4.73 30.22 -4.42
C VAL C 83 -4.00 31.04 -5.47
N GLU C 84 -4.04 32.36 -5.36
CA GLU C 84 -3.35 33.15 -6.37
C GLU C 84 -1.83 33.19 -6.13
N ASN C 85 -1.41 32.87 -4.90
CA ASN C 85 0.02 32.76 -4.61
C ASN C 85 0.57 31.37 -4.86
N ASN C 86 -0.31 30.46 -5.28
CA ASN C 86 0.06 29.08 -5.56
C ASN C 86 0.68 28.38 -4.34
N THR C 87 0.36 28.84 -3.15
CA THR C 87 0.90 28.22 -1.95
C THR C 87 -0.12 27.29 -1.29
N LEU C 88 -1.32 27.21 -1.87
CA LEU C 88 -2.37 26.37 -1.32
C LEU C 88 -2.13 24.92 -1.69
N SER C 89 -2.38 24.01 -0.76
CA SER C 89 -2.27 22.60 -1.05
C SER C 89 -3.46 21.81 -0.50
N ILE C 90 -3.94 20.87 -1.31
CA ILE C 90 -5.08 20.05 -0.93
C ILE C 90 -4.65 18.60 -0.83
N GLU C 91 -4.84 18.02 0.35
CA GLU C 91 -4.40 16.66 0.61
C GLU C 91 -5.56 15.80 1.06
N PRO C 92 -5.64 14.57 0.54
CA PRO C 92 -6.70 13.68 1.03
C PRO C 92 -6.34 13.19 2.43
N VAL C 93 -7.32 13.22 3.33
CA VAL C 93 -7.12 12.72 4.68
C VAL C 93 -7.89 11.43 4.89
N GLY C 94 -7.16 10.36 5.20
CA GLY C 94 -7.76 9.07 5.45
C GLY C 94 -8.07 8.84 6.91
N LEU C 95 -8.89 7.84 7.18
CA LEU C 95 -9.22 7.41 8.54
C LEU C 95 -7.99 7.27 9.43
N GLN C 96 -8.10 7.73 10.67
CA GLN C 96 -7.05 7.51 11.65
C GLN C 96 -7.59 7.67 13.07
N PRO C 97 -7.62 6.55 13.83
CA PRO C 97 -8.16 6.49 15.20
C PRO C 97 -7.42 7.40 16.19
N ILE C 98 -6.19 7.75 15.88
CA ILE C 98 -5.39 8.60 16.77
C ILE C 98 -4.79 9.78 16.02
N ARG C 99 -4.73 10.94 16.68
CA ARG C 99 -4.19 12.14 16.05
C ARG C 99 -3.68 13.14 17.07
N PHE C 100 -2.46 13.63 16.86
CA PHE C 100 -1.93 14.71 17.68
C PHE C 100 -2.75 15.96 17.38
N VAL C 101 -3.08 16.72 18.42
CA VAL C 101 -4.00 17.83 18.25
C VAL C 101 -3.47 19.15 18.78
N LYS C 102 -3.41 20.14 17.89
CA LYS C 102 -3.14 21.51 18.27
C LYS C 102 -4.33 22.38 17.86
N ALA C 103 -5.39 21.71 17.41
CA ALA C 103 -6.60 22.36 16.90
C ALA C 103 -7.31 23.17 17.98
N GLU C 107 -12.05 25.60 14.60
CA GLU C 107 -11.23 26.56 13.88
C GLU C 107 -10.52 25.94 12.69
N CYS C 108 -9.77 24.87 12.97
CA CYS C 108 -9.14 24.10 11.90
C CYS C 108 -10.09 23.00 11.45
N GLY C 109 -11.27 22.97 12.06
CA GLY C 109 -12.26 21.94 11.75
C GLY C 109 -11.77 20.56 12.14
N GLY C 110 -12.40 19.54 11.56
CA GLY C 110 -12.00 18.17 11.81
C GLY C 110 -12.70 17.26 10.82
N PRO C 111 -12.53 15.95 10.97
CA PRO C 111 -13.24 14.97 10.13
C PRO C 111 -14.74 15.10 10.34
N LYS C 112 -15.10 15.76 11.43
CA LYS C 112 -16.48 16.00 11.81
C LYS C 112 -17.11 17.16 11.05
N LYS C 113 -16.29 18.14 10.69
CA LYS C 113 -16.82 19.46 10.35
C LYS C 113 -15.92 20.28 9.42
N CYS C 114 -16.56 21.05 8.56
CA CYS C 114 -15.87 21.89 7.59
C CYS C 114 -15.31 23.16 8.25
N ALA C 115 -14.03 23.40 8.05
CA ALA C 115 -13.38 24.58 8.62
C ALA C 115 -13.76 25.85 7.87
N LEU C 116 -14.27 25.68 6.65
CA LEU C 116 -14.63 26.81 5.82
C LEU C 116 -16.09 27.20 5.98
N THR C 117 -17.02 26.27 5.76
CA THR C 117 -18.44 26.60 5.87
C THR C 117 -19.00 26.42 7.29
N GLY C 118 -18.24 25.77 8.16
CA GLY C 118 -18.67 25.60 9.55
C GLY C 118 -19.76 24.57 9.80
N GLN C 119 -19.94 23.58 8.92
CA GLN C 119 -20.99 22.60 9.20
C GLN C 119 -20.53 21.13 9.21
N SER C 120 -21.37 20.28 9.81
CA SER C 120 -21.04 18.90 10.10
C SER C 120 -21.21 18.00 8.88
N LYS C 121 -20.10 17.64 8.25
CA LYS C 121 -20.13 16.80 7.07
C LYS C 121 -18.87 15.94 7.05
N SER C 122 -18.91 14.81 6.35
CA SER C 122 -17.68 14.01 6.25
C SER C 122 -16.65 14.79 5.44
N CYS C 123 -15.49 15.03 6.04
CA CYS C 123 -14.46 15.80 5.36
C CYS C 123 -13.34 14.88 4.93
N LYS C 124 -13.29 14.60 3.63
CA LYS C 124 -12.30 13.68 3.10
C LYS C 124 -11.07 14.41 2.61
N HIS C 125 -10.98 15.71 2.92
CA HIS C 125 -9.84 16.51 2.49
C HIS C 125 -9.41 17.54 3.52
N ARG C 126 -8.12 17.83 3.50
CA ARG C 126 -7.54 18.85 4.36
C ARG C 126 -6.74 19.84 3.52
N ILE C 127 -6.65 21.07 4.02
CA ILE C 127 -6.16 22.21 3.26
C ILE C 127 -5.03 22.90 3.99
N LYS C 128 -4.02 23.31 3.25
CA LYS C 128 -2.96 24.06 3.91
C LYS C 128 -2.62 25.31 3.08
N LEU C 129 -2.52 26.47 3.75
CA LEU C 129 -2.33 27.76 3.08
C LEU C 129 -0.87 28.12 2.80
N GLY C 130 -0.09 28.27 3.85
CA GLY C 130 1.36 28.38 3.74
C GLY C 130 1.71 26.93 3.96
N ASP C 131 2.95 26.53 3.81
CA ASP C 131 3.28 25.12 4.05
C ASP C 131 4.05 24.64 5.31
N SER C 132 4.56 25.45 6.26
CA SER C 132 4.35 26.86 6.62
C SER C 132 2.92 27.24 7.06
N SER C 133 2.15 26.26 7.54
CA SER C 133 0.77 26.46 8.03
C SER C 133 0.17 25.17 8.64
N ASN C 134 -0.97 25.30 9.33
CA ASN C 134 -1.67 24.13 9.85
C ASN C 134 -2.73 23.66 8.86
N TYR C 135 -3.31 22.49 9.13
CA TYR C 135 -4.32 21.92 8.25
C TYR C 135 -5.73 22.37 8.64
N TYR C 136 -6.60 22.48 7.64
CA TYR C 136 -8.01 22.78 7.86
C TYR C 136 -8.87 21.80 7.09
N TYR C 137 -9.79 21.13 7.77
CA TYR C 137 -10.60 20.12 7.11
C TYR C 137 -11.72 20.79 6.33
N ILE C 138 -12.03 20.26 5.16
CA ILE C 138 -13.04 20.90 4.32
C ILE C 138 -13.98 19.87 3.69
N SER C 139 -15.23 20.28 3.47
CA SER C 139 -16.20 19.42 2.82
C SER C 139 -15.81 19.20 1.36
N PRO C 140 -16.25 18.08 0.79
CA PRO C 140 -15.99 17.79 -0.64
C PRO C 140 -16.45 18.92 -1.55
N PHE C 141 -17.49 19.63 -1.12
CA PHE C 141 -18.04 20.75 -1.88
C PHE C 141 -17.03 21.91 -1.98
N CYS C 142 -16.48 22.31 -0.84
CA CYS C 142 -15.44 23.34 -0.79
C CYS C 142 -14.25 22.91 -1.61
N ARG C 143 -13.92 21.62 -1.53
CA ARG C 143 -12.83 21.08 -2.31
C ARG C 143 -13.12 21.28 -3.77
N TYR C 144 -14.37 21.03 -4.18
CA TYR C 144 -14.72 21.18 -5.58
C TYR C 144 -14.62 22.62 -6.07
N ARG C 145 -15.15 23.57 -5.30
CA ARG C 145 -15.06 24.97 -5.68
C ARG C 145 -13.59 25.41 -5.82
N ILE C 146 -12.85 25.16 -4.74
CA ILE C 146 -11.47 25.56 -4.65
C ILE C 146 -10.65 24.95 -5.79
N THR C 147 -10.82 23.66 -6.04
CA THR C 147 -10.09 23.01 -7.13
C THR C 147 -10.53 23.57 -8.48
N SER C 148 -11.78 24.03 -8.59
CA SER C 148 -12.22 24.67 -9.84
C SER C 148 -11.40 25.93 -10.12
N VAL C 149 -11.44 26.83 -9.13
CA VAL C 149 -10.64 28.05 -9.20
C VAL C 149 -9.16 27.76 -9.50
N CYS C 150 -8.59 26.83 -8.74
CA CYS C 150 -7.18 26.48 -8.87
C CYS C 150 -6.86 25.97 -10.28
N ASN C 151 -7.72 25.13 -10.82
CA ASN C 151 -7.52 24.60 -12.16
C ASN C 151 -7.50 25.74 -13.17
N PHE C 152 -8.45 26.65 -13.01
CA PHE C 152 -8.45 27.84 -13.85
C PHE C 152 -7.10 28.57 -13.79
N PHE C 153 -6.65 28.87 -12.57
CA PHE C 153 -5.40 29.58 -12.38
C PHE C 153 -4.19 28.85 -12.98
N THR C 154 -4.14 27.53 -12.84
CA THR C 154 -2.98 26.80 -13.37
C THR C 154 -3.00 26.79 -14.88
N TYR C 155 -4.17 26.65 -15.49
CA TYR C 155 -4.23 26.71 -16.95
C TYR C 155 -3.83 28.10 -17.46
N ILE C 156 -4.38 29.14 -16.83
CA ILE C 156 -4.05 30.51 -17.22
C ILE C 156 -2.55 30.78 -17.04
N ARG C 157 -1.95 30.17 -16.02
CA ARG C 157 -0.51 30.35 -15.82
C ARG C 157 0.30 29.60 -16.87
N TYR C 158 -0.17 28.42 -17.28
CA TYR C 158 0.43 27.71 -18.41
C TYR C 158 0.39 28.58 -19.66
N ILE C 159 -0.74 29.24 -19.88
CA ILE C 159 -0.87 30.10 -21.06
C ILE C 159 0.04 31.31 -20.97
N GLN C 160 0.10 31.94 -19.80
CA GLN C 160 0.88 33.15 -19.62
C GLN C 160 2.35 32.88 -19.94
N GLN C 161 2.80 31.68 -19.60
CA GLN C 161 4.16 31.24 -19.93
C GLN C 161 4.08 30.58 -21.31
N GLY C 162 5.20 30.15 -21.86
CA GLY C 162 5.16 29.56 -23.20
C GLY C 162 4.83 28.09 -23.24
N LEU C 163 4.25 27.56 -22.17
CA LEU C 163 4.06 26.11 -22.04
C LEU C 163 3.05 25.51 -23.03
N VAL C 164 2.06 26.29 -23.46
CA VAL C 164 1.06 25.79 -24.39
C VAL C 164 1.35 26.17 -25.84
N LYS C 165 1.87 25.22 -26.62
CA LYS C 165 2.22 25.49 -28.00
C LYS C 165 1.41 24.68 -29.03
N GLN C 166 0.79 23.59 -28.59
CA GLN C 166 0.09 22.71 -29.53
C GLN C 166 -1.41 22.94 -29.57
N GLN C 167 -1.90 23.87 -28.77
CA GLN C 167 -3.33 24.15 -28.71
C GLN C 167 -3.70 25.39 -29.52
N ASP C 168 -4.60 25.24 -30.47
CA ASP C 168 -5.08 26.37 -31.26
CA ASP C 168 -5.10 26.35 -31.27
C ASP C 168 -5.78 27.38 -30.37
N VAL C 169 -5.91 28.62 -30.87
CA VAL C 169 -6.49 29.71 -30.09
C VAL C 169 -7.96 29.44 -29.69
N ASP C 170 -8.74 28.82 -30.57
CA ASP C 170 -10.13 28.57 -30.24
C ASP C 170 -10.25 27.45 -29.22
N GLN C 171 -9.36 26.46 -29.33
CA GLN C 171 -9.21 25.42 -28.32
C GLN C 171 -8.94 26.03 -26.94
N MET C 172 -7.94 26.92 -26.88
CA MET C 172 -7.57 27.58 -25.64
C MET C 172 -8.77 28.31 -25.06
N PHE C 173 -9.41 29.09 -25.94
CA PHE C 173 -10.61 29.81 -25.55
C PHE C 173 -11.68 28.90 -24.95
N TRP C 174 -11.91 27.76 -25.58
CA TRP C 174 -12.99 26.88 -25.12
C TRP C 174 -12.58 26.14 -23.84
N GLU C 175 -11.29 26.03 -23.61
CA GLU C 175 -10.83 25.50 -22.33
C GLU C 175 -11.07 26.50 -21.21
N VAL C 176 -10.83 27.78 -21.52
CA VAL C 176 -11.18 28.83 -20.57
C VAL C 176 -12.69 28.83 -20.28
N MET C 177 -13.50 28.70 -21.33
CA MET C 177 -14.95 28.60 -21.16
C MET C 177 -15.34 27.41 -20.29
N GLN C 178 -14.71 26.27 -20.53
CA GLN C 178 -14.93 25.08 -19.71
C GLN C 178 -14.62 25.29 -18.23
N LEU C 179 -13.47 25.89 -17.95
CA LEU C 179 -13.08 26.16 -16.56
C LEU C 179 -14.06 27.13 -15.90
N ARG C 180 -14.45 28.17 -16.63
CA ARG C 180 -15.45 29.10 -16.13
C ARG C 180 -16.81 28.40 -15.94
N LYS C 181 -17.03 27.32 -16.69
CA LYS C 181 -18.25 26.53 -16.55
C LYS C 181 -18.20 25.85 -15.21
N GLU C 182 -17.10 25.14 -14.97
CA GLU C 182 -16.92 24.41 -13.73
C GLU C 182 -17.03 25.33 -12.51
N MET C 183 -16.40 26.50 -12.59
CA MET C 183 -16.51 27.48 -11.51
C MET C 183 -17.94 28.00 -11.35
N SER C 184 -18.63 28.20 -12.47
CA SER C 184 -20.01 28.69 -12.44
C SER C 184 -20.94 27.70 -11.76
N LEU C 185 -20.80 26.43 -12.10
CA LEU C 185 -21.60 25.37 -11.47
C LEU C 185 -21.24 25.27 -10.00
N ALA C 186 -19.95 25.35 -9.69
CA ALA C 186 -19.49 25.30 -8.30
C ALA C 186 -20.12 26.40 -7.46
N LYS C 187 -20.19 27.61 -8.02
CA LYS C 187 -20.83 28.77 -7.38
C LYS C 187 -22.20 28.46 -6.80
N LEU C 188 -23.03 27.82 -7.62
CA LEU C 188 -24.44 27.64 -7.32
C LEU C 188 -24.71 26.39 -6.50
N GLY C 189 -23.64 25.67 -6.17
CA GLY C 189 -23.76 24.48 -5.36
C GLY C 189 -23.81 23.20 -6.17
N TYR C 190 -23.48 23.30 -7.45
CA TYR C 190 -23.43 22.12 -8.31
C TYR C 190 -22.01 21.61 -8.41
N PHE C 191 -21.73 20.50 -7.74
CA PHE C 191 -20.36 20.00 -7.64
C PHE C 191 -20.27 18.50 -7.82
N LYS C 192 -19.05 18.01 -8.04
CA LYS C 192 -18.83 16.59 -8.20
C LYS C 192 -18.00 16.05 -7.03
N GLU C 193 -18.29 14.82 -6.63
CA GLU C 193 -17.55 14.16 -5.56
C GLU C 193 -17.20 12.74 -5.97
N GLU C 194 -15.95 12.34 -5.78
CA GLU C 194 -15.51 10.99 -6.13
C GLU C 194 -15.07 10.21 -4.90
N VAL D 21 24.51 12.71 34.38
CA VAL D 21 24.51 12.26 32.98
C VAL D 21 25.97 12.39 32.49
N ILE D 22 26.90 12.22 33.41
CA ILE D 22 28.32 12.28 33.07
C ILE D 22 28.76 11.01 32.34
N GLN D 23 28.26 9.87 32.81
CA GLN D 23 28.64 8.56 32.29
C GLN D 23 28.19 8.35 30.85
N PRO D 24 28.96 7.54 30.09
CA PRO D 24 28.64 7.18 28.70
C PRO D 24 27.35 6.37 28.55
N ILE D 25 26.97 6.14 27.31
CA ILE D 25 25.77 5.37 26.98
C ILE D 25 26.13 3.99 26.44
N VAL D 26 25.41 2.97 26.92
CA VAL D 26 25.58 1.62 26.40
C VAL D 26 24.49 1.29 25.37
N LYS D 27 24.91 0.74 24.24
CA LYS D 27 23.99 0.42 23.14
C LYS D 27 23.78 -1.08 22.93
N ASP D 28 22.53 -1.49 22.78
CA ASP D 28 22.23 -2.88 22.44
C ASP D 28 22.71 -3.17 21.02
N CYS D 29 23.53 -4.21 20.88
CA CYS D 29 24.10 -4.57 19.59
C CYS D 29 23.91 -6.05 19.27
N LYS D 30 24.16 -6.42 18.02
CA LYS D 30 24.04 -7.81 17.61
C LYS D 30 25.12 -8.16 16.59
N GLU D 31 25.86 -9.22 16.86
CA GLU D 31 26.93 -9.65 15.99
C GLU D 31 26.94 -11.18 15.87
N ALA D 32 26.96 -11.66 14.64
CA ALA D 32 26.82 -13.08 14.36
C ALA D 32 28.01 -13.93 14.84
N ASP D 33 27.73 -14.95 15.64
CA ASP D 33 28.74 -15.95 15.98
C ASP D 33 29.02 -16.72 14.69
N LEU D 34 30.30 -16.81 14.32
CA LEU D 34 30.66 -17.27 12.98
C LEU D 34 30.51 -18.78 12.80
N SER D 35 30.65 -19.51 13.90
CA SER D 35 30.44 -20.95 13.90
C SER D 35 28.99 -21.22 13.55
N LEU D 36 28.11 -20.57 14.31
CA LEU D 36 26.67 -20.69 14.09
C LEU D 36 26.26 -20.24 12.70
N TYR D 37 26.94 -19.22 12.16
CA TYR D 37 26.57 -18.67 10.86
C TYR D 37 26.96 -19.58 9.70
N ASN D 38 28.18 -20.10 9.72
CA ASN D 38 28.56 -21.00 8.62
C ASN D 38 27.85 -22.35 8.74
N GLU D 39 27.66 -22.79 9.98
CA GLU D 39 26.85 -23.97 10.27
C GLU D 39 25.46 -23.80 9.66
N PHE D 40 24.84 -22.65 9.94
CA PHE D 40 23.51 -22.34 9.42
C PHE D 40 23.46 -22.20 7.91
N ARG D 41 24.52 -21.67 7.30
CA ARG D 41 24.49 -21.48 5.86
C ARG D 41 24.63 -22.83 5.16
N LEU D 42 25.36 -23.74 5.79
CA LEU D 42 25.56 -25.05 5.17
C LEU D 42 24.49 -26.05 5.62
N TRP D 43 23.62 -25.61 6.52
CA TRP D 43 22.35 -26.30 6.71
C TRP D 43 21.34 -25.75 5.71
N LYS D 44 21.45 -24.46 5.42
CA LYS D 44 20.58 -23.77 4.48
C LYS D 44 20.73 -24.34 3.08
N ASP D 45 21.97 -24.62 2.68
CA ASP D 45 22.21 -25.15 1.34
C ASP D 45 21.56 -26.54 1.15
N GLU D 46 21.50 -27.34 2.20
CA GLU D 46 20.75 -28.59 2.16
C GLU D 46 20.05 -28.90 3.49
N PRO D 47 18.83 -28.37 3.66
CA PRO D 47 18.04 -28.51 4.88
C PRO D 47 17.67 -29.95 5.21
N THR D 48 17.76 -30.31 6.48
CA THR D 48 17.31 -31.61 6.97
C THR D 48 16.65 -31.48 8.32
N MET D 49 15.74 -32.40 8.62
CA MET D 49 15.05 -32.42 9.90
C MET D 49 15.70 -33.39 10.89
N ASP D 50 16.90 -33.87 10.58
CA ASP D 50 17.53 -34.91 11.37
C ASP D 50 17.92 -34.36 12.76
N ARG D 51 17.58 -35.13 13.78
N ARG D 51 17.58 -35.11 13.79
CA ARG D 51 17.83 -34.78 15.18
CA ARG D 51 17.84 -34.71 15.17
C ARG D 51 19.32 -34.69 15.46
C ARG D 51 19.33 -34.67 15.47
N THR D 52 20.11 -35.46 14.72
CA THR D 52 21.54 -35.55 14.94
C THR D 52 22.34 -34.59 14.06
N CYS D 53 21.66 -33.90 13.16
CA CYS D 53 22.31 -32.91 12.31
C CYS D 53 22.91 -31.81 13.20
N PRO D 54 24.17 -31.44 12.96
CA PRO D 54 24.93 -30.53 13.83
C PRO D 54 24.19 -29.23 14.15
N PHE D 55 23.72 -28.57 13.09
CA PHE D 55 22.94 -27.35 13.21
C PHE D 55 21.77 -27.59 14.14
N LEU D 56 21.02 -28.65 13.85
CA LEU D 56 19.88 -29.02 14.68
C LEU D 56 20.32 -29.61 16.02
N ASP D 57 21.41 -30.36 16.03
CA ASP D 57 21.89 -31.02 17.24
C ASP D 57 22.17 -30.03 18.36
N LYS D 58 22.96 -29.01 18.04
CA LYS D 58 23.31 -27.98 19.00
C LYS D 58 22.05 -27.36 19.63
N ILE D 59 21.09 -26.99 18.79
CA ILE D 59 19.85 -26.35 19.23
C ILE D 59 18.99 -27.30 20.05
N TYR D 60 19.03 -28.58 19.70
CA TYR D 60 18.35 -29.60 20.48
C TYR D 60 18.91 -29.65 21.88
N GLN D 61 20.23 -29.72 21.99
CA GLN D 61 20.87 -29.85 23.31
C GLN D 61 20.75 -28.60 24.17
N GLU D 62 20.96 -27.43 23.55
CA GLU D 62 21.00 -26.18 24.28
C GLU D 62 19.64 -25.52 24.48
N ASP D 63 18.72 -25.73 23.54
CA ASP D 63 17.46 -25.00 23.55
C ASP D 63 16.25 -25.90 23.74
N ILE D 64 16.04 -26.80 22.79
CA ILE D 64 14.81 -27.60 22.72
C ILE D 64 14.63 -28.53 23.91
N PHE D 65 15.63 -29.38 24.17
CA PHE D 65 15.59 -30.34 25.28
C PHE D 65 15.41 -29.66 26.65
N PRO D 66 16.19 -28.59 26.95
CA PRO D 66 15.95 -27.96 28.26
C PRO D 66 14.63 -27.22 28.35
N CYS D 67 14.12 -26.78 27.21
CA CYS D 67 12.92 -25.96 27.18
C CYS D 67 11.67 -26.83 27.32
N LEU D 68 11.77 -28.09 26.89
CA LEU D 68 10.66 -29.04 27.04
C LEU D 68 10.85 -29.96 28.24
N THR D 69 11.77 -29.61 29.13
CA THR D 69 12.04 -30.41 30.32
C THR D 69 11.04 -30.16 31.43
N PHE D 70 10.22 -31.17 31.73
CA PHE D 70 9.18 -31.08 32.74
C PHE D 70 9.24 -32.28 33.67
N SER D 71 8.43 -32.28 34.72
CA SER D 71 8.53 -33.30 35.76
C SER D 71 8.11 -34.70 35.31
N LYS D 72 6.97 -34.79 34.63
CA LYS D 72 6.60 -36.01 33.94
C LYS D 72 7.08 -35.88 32.48
N SER D 73 8.17 -36.57 32.09
CA SER D 73 8.82 -36.27 30.81
C SER D 73 8.75 -37.36 29.73
N GLU D 74 7.96 -38.41 29.94
CA GLU D 74 7.62 -39.28 28.82
C GLU D 74 6.49 -38.59 28.11
N LEU D 75 5.72 -37.85 28.91
CA LEU D 75 4.78 -36.90 28.39
C LEU D 75 5.54 -35.82 27.61
N ALA D 76 6.66 -35.35 28.15
CA ALA D 76 7.49 -34.32 27.49
C ALA D 76 8.10 -34.81 26.19
N SER D 77 8.59 -36.04 26.20
CA SER D 77 9.19 -36.62 24.99
C SER D 77 8.11 -36.87 23.95
N ALA D 78 6.93 -37.31 24.41
CA ALA D 78 5.79 -37.49 23.53
C ALA D 78 5.40 -36.16 22.89
N VAL D 79 5.42 -35.11 23.69
CA VAL D 79 5.10 -33.76 23.22
C VAL D 79 6.12 -33.32 22.18
N LEU D 80 7.39 -33.62 22.44
CA LEU D 80 8.45 -33.30 21.49
C LEU D 80 8.18 -34.00 20.17
N GLU D 81 7.87 -35.29 20.24
CA GLU D 81 7.57 -36.08 19.05
C GLU D 81 6.40 -35.48 18.29
N ALA D 82 5.39 -35.03 19.02
CA ALA D 82 4.25 -34.35 18.42
C ALA D 82 4.67 -33.07 17.72
N VAL D 83 5.65 -32.37 18.30
CA VAL D 83 6.11 -31.11 17.76
C VAL D 83 6.92 -31.29 16.47
N GLU D 84 7.83 -32.25 16.45
CA GLU D 84 8.63 -32.44 15.24
C GLU D 84 7.80 -33.14 14.17
N ASN D 85 6.71 -33.79 14.59
CA ASN D 85 5.79 -34.38 13.64
C ASN D 85 4.70 -33.39 13.21
N ASN D 86 4.75 -32.18 13.77
CA ASN D 86 3.78 -31.12 13.45
C ASN D 86 2.34 -31.55 13.74
N THR D 87 2.18 -32.48 14.68
CA THR D 87 0.87 -33.01 15.03
C THR D 87 0.30 -32.42 16.32
N LEU D 88 1.04 -31.49 16.92
CA LEU D 88 0.64 -30.88 18.18
C LEU D 88 -0.43 -29.79 17.98
N SER D 89 -1.37 -29.72 18.91
CA SER D 89 -2.38 -28.65 18.89
C SER D 89 -2.63 -28.07 20.27
N ILE D 90 -2.74 -26.75 20.34
CA ILE D 90 -2.99 -26.05 21.61
C ILE D 90 -4.28 -25.24 21.54
N GLU D 91 -5.24 -25.51 22.41
CA GLU D 91 -6.51 -24.79 22.36
C GLU D 91 -6.85 -24.08 23.67
N PRO D 92 -7.26 -22.81 23.58
CA PRO D 92 -7.75 -22.02 24.71
C PRO D 92 -9.18 -22.38 25.11
N VAL D 93 -9.44 -22.48 26.41
CA VAL D 93 -10.80 -22.73 26.88
C VAL D 93 -11.36 -21.49 27.59
N GLY D 94 -12.45 -20.95 27.04
CA GLY D 94 -13.11 -19.79 27.62
C GLY D 94 -14.21 -20.18 28.59
N LEU D 116 -1.85 -29.75 35.03
CA LEU D 116 -1.44 -31.08 34.61
C LEU D 116 -0.02 -31.06 34.06
N THR D 117 0.69 -29.97 34.36
CA THR D 117 2.06 -29.76 33.93
C THR D 117 3.02 -30.33 34.96
N GLY D 118 2.46 -30.83 36.05
CA GLY D 118 3.22 -31.26 37.20
C GLY D 118 3.48 -30.01 38.04
N GLN D 119 2.68 -28.98 37.78
CA GLN D 119 2.67 -27.78 38.61
C GLN D 119 1.21 -27.48 38.96
N SER D 120 1.02 -26.69 40.02
CA SER D 120 -0.32 -26.47 40.57
C SER D 120 -1.11 -25.33 39.92
N LYS D 121 -0.47 -24.61 39.01
CA LYS D 121 -1.05 -23.40 38.41
C LYS D 121 -2.33 -23.61 37.59
N SER D 122 -3.09 -22.54 37.45
CA SER D 122 -4.31 -22.49 36.62
C SER D 122 -4.00 -22.61 35.13
N CYS D 123 -4.64 -23.56 34.46
CA CYS D 123 -4.36 -23.86 33.05
C CYS D 123 -5.40 -23.33 32.06
N LYS D 124 -5.01 -22.32 31.28
CA LYS D 124 -5.91 -21.70 30.30
C LYS D 124 -5.79 -22.31 28.91
N HIS D 125 -5.08 -23.43 28.81
CA HIS D 125 -4.86 -24.07 27.51
C HIS D 125 -4.84 -25.60 27.61
N ARG D 126 -5.15 -26.27 26.50
CA ARG D 126 -5.10 -27.74 26.43
C ARG D 126 -4.28 -28.21 25.23
N ILE D 127 -3.71 -29.40 25.33
CA ILE D 127 -2.71 -29.89 24.37
C ILE D 127 -3.12 -31.24 23.79
N LYS D 128 -2.95 -31.41 22.48
CA LYS D 128 -3.17 -32.73 21.89
C LYS D 128 -2.07 -33.15 20.94
N LEU D 129 -1.60 -34.38 21.13
CA LEU D 129 -0.53 -34.94 20.32
C LEU D 129 -1.10 -35.71 19.13
N GLY D 130 -0.24 -36.03 18.17
CA GLY D 130 -0.53 -36.95 17.08
C GLY D 130 -1.91 -36.98 16.44
N ASP D 131 -2.25 -38.13 15.87
CA ASP D 131 -3.56 -38.35 15.26
C ASP D 131 -4.40 -39.23 16.17
N SER D 132 -3.77 -39.69 17.26
CA SER D 132 -4.43 -40.55 18.23
C SER D 132 -3.98 -40.23 19.65
N SER D 133 -4.66 -39.27 20.30
CA SER D 133 -4.29 -38.82 21.63
C SER D 133 -5.38 -37.97 22.24
N ASN D 134 -5.34 -37.85 23.57
CA ASN D 134 -6.27 -37.00 24.32
C ASN D 134 -5.66 -35.67 24.72
N TYR D 135 -6.49 -34.81 25.29
CA TYR D 135 -6.05 -33.46 25.68
C TYR D 135 -5.41 -33.47 27.07
N TYR D 136 -4.44 -32.59 27.25
CA TYR D 136 -3.79 -32.39 28.55
C TYR D 136 -3.75 -30.90 28.87
N TYR D 137 -4.25 -30.49 30.03
CA TYR D 137 -4.32 -29.06 30.33
C TYR D 137 -2.97 -28.51 30.83
N ILE D 138 -2.60 -27.30 30.41
CA ILE D 138 -1.29 -26.75 30.73
C ILE D 138 -1.28 -25.27 31.12
N SER D 139 -0.33 -24.93 32.01
CA SER D 139 -0.10 -23.56 32.45
C SER D 139 0.45 -22.65 31.34
N PRO D 140 0.21 -21.34 31.45
CA PRO D 140 0.72 -20.36 30.47
C PRO D 140 2.24 -20.39 30.26
N PHE D 141 2.99 -20.73 31.31
CA PHE D 141 4.45 -20.80 31.22
C PHE D 141 4.88 -21.94 30.28
N CYS D 142 4.32 -23.11 30.56
CA CYS D 142 4.53 -24.30 29.74
C CYS D 142 4.11 -24.00 28.31
N ARG D 143 2.99 -23.31 28.19
CA ARG D 143 2.48 -22.94 26.89
C ARG D 143 3.51 -22.09 26.16
N TYR D 144 4.13 -21.14 26.87
CA TYR D 144 5.09 -20.26 26.23
C TYR D 144 6.31 -21.04 25.75
N ARG D 145 6.82 -21.92 26.60
CA ARG D 145 7.95 -22.77 26.20
C ARG D 145 7.64 -23.61 24.96
N ILE D 146 6.52 -24.34 25.04
CA ILE D 146 6.10 -25.21 23.95
C ILE D 146 5.89 -24.44 22.66
N THR D 147 5.17 -23.32 22.71
CA THR D 147 4.93 -22.51 21.53
C THR D 147 6.21 -21.89 20.99
N SER D 148 7.18 -21.64 21.87
CA SER D 148 8.49 -21.17 21.42
C SER D 148 9.17 -22.23 20.55
N VAL D 149 9.29 -23.43 21.12
CA VAL D 149 9.84 -24.58 20.39
C VAL D 149 9.12 -24.77 19.05
N CYS D 150 7.78 -24.73 19.09
CA CYS D 150 6.95 -24.88 17.90
C CYS D 150 7.25 -23.82 16.87
N ASN D 151 7.40 -22.58 17.30
CA ASN D 151 7.68 -21.49 16.38
C ASN D 151 8.99 -21.76 15.67
N PHE D 152 10.01 -22.16 16.45
CA PHE D 152 11.28 -22.55 15.83
C PHE D 152 11.08 -23.62 14.75
N PHE D 153 10.41 -24.71 15.13
CA PHE D 153 10.19 -25.83 14.20
C PHE D 153 9.40 -25.47 12.94
N THR D 154 8.37 -24.63 13.07
CA THR D 154 7.58 -24.24 11.91
C THR D 154 8.40 -23.32 11.01
N TYR D 155 9.23 -22.46 11.60
CA TYR D 155 10.09 -21.64 10.74
C TYR D 155 11.10 -22.48 9.96
N ILE D 156 11.81 -23.38 10.66
CA ILE D 156 12.79 -24.20 9.96
C ILE D 156 12.12 -25.09 8.91
N ARG D 157 10.89 -25.54 9.18
CA ARG D 157 10.20 -26.36 8.20
C ARG D 157 9.73 -25.51 7.00
N TYR D 158 9.37 -24.25 7.25
CA TYR D 158 9.16 -23.30 6.16
C TYR D 158 10.43 -23.20 5.31
N ILE D 159 11.59 -23.23 5.97
CA ILE D 159 12.84 -23.16 5.23
C ILE D 159 13.04 -24.41 4.38
N GLN D 160 12.82 -25.58 4.98
CA GLN D 160 13.06 -26.83 4.28
C GLN D 160 12.17 -27.01 3.05
N GLN D 161 10.93 -26.57 3.15
CA GLN D 161 9.97 -26.69 2.05
C GLN D 161 9.99 -25.51 1.08
N GLY D 162 10.99 -24.64 1.20
CA GLY D 162 11.16 -23.52 0.29
C GLY D 162 10.10 -22.44 0.28
N LEU D 163 9.29 -22.38 1.33
CA LEU D 163 8.20 -21.40 1.40
C LEU D 163 8.77 -20.01 1.49
N VAL D 164 10.01 -19.96 1.96
CA VAL D 164 10.73 -18.73 2.25
C VAL D 164 11.67 -18.35 1.09
N LYS D 165 11.26 -17.40 0.26
CA LYS D 165 12.05 -17.01 -0.91
C LYS D 165 12.56 -15.57 -0.94
N GLN D 166 11.97 -14.69 -0.13
CA GLN D 166 12.31 -13.28 -0.16
C GLN D 166 13.33 -12.93 0.91
N GLN D 167 13.75 -13.94 1.68
CA GLN D 167 14.73 -13.72 2.74
C GLN D 167 16.16 -14.11 2.35
N ASP D 168 17.03 -13.14 2.58
CA ASP D 168 18.47 -13.34 2.48
CA ASP D 168 18.47 -13.34 2.48
C ASP D 168 18.96 -14.29 3.59
N VAL D 169 20.16 -14.82 3.43
CA VAL D 169 20.74 -15.75 4.40
C VAL D 169 20.89 -15.13 5.78
N ASP D 170 21.23 -13.84 5.82
CA ASP D 170 21.42 -13.12 7.09
C ASP D 170 20.10 -12.81 7.78
N GLN D 171 19.08 -12.46 6.99
CA GLN D 171 17.72 -12.35 7.50
C GLN D 171 17.25 -13.64 8.18
N MET D 172 17.36 -14.74 7.44
CA MET D 172 16.94 -16.06 7.92
C MET D 172 17.69 -16.40 9.19
N PHE D 173 19.01 -16.23 9.14
CA PHE D 173 19.89 -16.45 10.26
C PHE D 173 19.45 -15.68 11.50
N TRP D 174 19.16 -14.40 11.34
CA TRP D 174 18.83 -13.60 12.51
C TRP D 174 17.43 -13.87 13.04
N GLU D 175 16.51 -14.34 12.20
CA GLU D 175 15.26 -14.76 12.81
C GLU D 175 15.45 -16.09 13.53
N VAL D 176 16.31 -16.95 12.99
CA VAL D 176 16.67 -18.17 13.71
C VAL D 176 17.25 -17.84 15.08
N MET D 177 18.17 -16.88 15.12
CA MET D 177 18.76 -16.42 16.37
C MET D 177 17.66 -15.91 17.30
N GLN D 178 16.71 -15.17 16.75
CA GLN D 178 15.55 -14.67 17.49
C GLN D 178 14.78 -15.82 18.17
N LEU D 179 14.49 -16.86 17.39
CA LEU D 179 13.77 -18.02 17.89
C LEU D 179 14.55 -18.72 19.00
N ARG D 180 15.85 -18.91 18.78
CA ARG D 180 16.70 -19.50 19.80
C ARG D 180 16.76 -18.61 21.03
N LYS D 181 16.51 -17.32 20.85
CA LYS D 181 16.47 -16.39 21.95
C LYS D 181 15.22 -16.61 22.76
N GLU D 182 14.09 -16.71 22.08
CA GLU D 182 12.82 -16.96 22.76
C GLU D 182 12.90 -18.27 23.56
N MET D 183 13.46 -19.31 22.95
CA MET D 183 13.63 -20.57 23.66
C MET D 183 14.60 -20.44 24.84
N SER D 184 15.66 -19.66 24.66
CA SER D 184 16.64 -19.46 25.74
C SER D 184 16.01 -18.75 26.93
N LEU D 185 15.26 -17.69 26.67
CA LEU D 185 14.59 -16.98 27.74
C LEU D 185 13.54 -17.85 28.39
N ALA D 186 12.80 -18.61 27.59
CA ALA D 186 11.80 -19.53 28.10
C ALA D 186 12.41 -20.55 29.06
N LYS D 187 13.57 -21.08 28.70
CA LYS D 187 14.32 -22.00 29.57
C LYS D 187 14.40 -21.48 30.99
N LEU D 188 14.78 -20.21 31.11
CA LEU D 188 15.12 -19.62 32.39
C LEU D 188 13.92 -19.07 33.13
N GLY D 189 12.73 -19.21 32.56
CA GLY D 189 11.54 -18.75 33.23
C GLY D 189 11.11 -17.34 32.86
N TYR D 190 11.70 -16.81 31.79
CA TYR D 190 11.30 -15.51 31.28
C TYR D 190 10.34 -15.66 30.09
N PHE D 191 9.07 -15.33 30.31
CA PHE D 191 8.05 -15.55 29.30
C PHE D 191 7.08 -14.37 29.20
N LYS D 192 6.29 -14.36 28.13
CA LYS D 192 5.28 -13.33 27.92
C LYS D 192 3.85 -13.87 27.96
N GLU D 193 2.92 -13.04 28.41
CA GLU D 193 1.51 -13.41 28.47
C GLU D 193 0.67 -12.32 27.80
N GLU D 194 -0.23 -12.72 26.91
CA GLU D 194 -0.93 -11.77 26.03
C GLU D 194 -2.20 -11.16 26.64
N LEU D 195 -2.19 -9.83 26.73
CA LEU D 195 -3.39 -8.99 26.90
C LEU D 195 -2.95 -7.53 26.95
PG GNP E . 5.13 7.58 -21.38
O1G GNP E . 3.87 7.16 -22.11
O2G GNP E . 5.37 6.48 -20.37
O3G GNP E . 6.29 7.92 -22.28
N3B GNP E . 4.80 8.87 -20.53
PB GNP E . 5.88 9.71 -19.74
O1B GNP E . 6.23 9.10 -18.43
O2B GNP E . 7.00 9.95 -20.67
O3A GNP E . 5.22 11.04 -19.39
PA GNP E . 5.44 12.36 -20.12
O1A GNP E . 6.79 12.88 -19.76
O2A GNP E . 5.13 12.27 -21.56
O5' GNP E . 4.41 13.37 -19.49
C5' GNP E . 3.01 13.07 -19.40
C4' GNP E . 2.16 14.34 -19.25
O4' GNP E . 2.32 14.92 -17.92
C3' GNP E . 2.49 15.48 -20.21
O3' GNP E . 1.30 16.20 -20.48
C2' GNP E . 3.50 16.29 -19.42
O2' GNP E . 3.61 17.63 -19.84
C1' GNP E . 2.90 16.21 -18.03
N9 GNP E . 3.90 16.40 -16.97
C8 GNP E . 5.15 15.84 -16.86
N7 GNP E . 5.81 16.20 -15.79
C5 GNP E . 4.95 17.06 -15.15
C6 GNP E . 5.11 17.77 -13.93
O6 GNP E . 6.09 17.77 -13.17
N1 GNP E . 3.99 18.55 -13.63
C2 GNP E . 2.85 18.61 -14.40
N2 GNP E . 1.88 19.42 -13.93
N3 GNP E . 2.67 17.96 -15.54
C4 GNP E . 3.76 17.20 -15.85
MG MG F . 7.78 9.19 -22.29
S SO4 G . -2.83 14.47 -14.06
O1 SO4 G . -3.95 13.54 -14.10
O2 SO4 G . -1.97 14.23 -15.21
O3 SO4 G . -3.34 15.85 -14.11
O4 SO4 G . -2.08 14.26 -12.84
PG GNP H . -3.67 -6.91 3.52
O1G GNP H . -3.69 -5.96 4.69
O2G GNP H . -5.12 -7.10 3.18
O3G GNP H . -2.76 -6.52 2.37
N3B GNP H . -3.06 -8.31 3.99
PB GNP H . -3.86 -9.67 4.00
O1B GNP H . -4.98 -9.55 4.96
O2B GNP H . -4.19 -10.02 2.59
O3A GNP H . -2.92 -10.77 4.51
PA GNP H . -1.89 -11.46 3.60
O1A GNP H . -2.58 -12.33 2.64
O2A GNP H . -0.92 -10.48 3.05
O5' GNP H . -1.07 -12.40 4.56
C5' GNP H . -0.55 -11.91 5.80
C4' GNP H . 0.58 -12.79 6.31
O4' GNP H . 0.04 -14.03 6.82
C3' GNP H . 1.62 -13.18 5.27
O3' GNP H . 2.90 -13.38 5.86
C2' GNP H . 1.07 -14.52 4.77
O2' GNP H . 2.09 -15.30 4.19
C1' GNP H . 0.54 -15.12 6.08
N9 GNP H . -0.53 -16.10 5.89
C8 GNP H . -1.60 -16.02 5.03
N7 GNP H . -2.40 -17.06 5.09
C5 GNP H . -1.82 -17.87 6.05
C6 GNP H . -2.25 -19.14 6.54
O6 GNP H . -3.24 -19.79 6.21
N1 GNP H . -1.39 -19.62 7.52
C2 GNP H . -0.25 -18.98 7.97
N2 GNP H . 0.45 -19.61 8.91
N3 GNP H . 0.16 -17.80 7.51
C4 GNP H . -0.68 -17.30 6.57
MG MG I . -3.17 -8.51 0.87
#